data_8DGP
#
_entry.id   8DGP
#
_cell.length_a   155.532
_cell.length_b   155.532
_cell.length_c   58.060
_cell.angle_alpha   90.000
_cell.angle_beta   90.000
_cell.angle_gamma   90.000
#
_symmetry.space_group_name_H-M   'P 41'
#
loop_
_entity.id
_entity.type
_entity.pdbx_description
1 polymer '14-3-3 protein epsilon'
2 polymer 'Phosphorylated PEAK3 (pS69) peptide'
3 non-polymer 1,2-ETHANEDIOL
4 non-polymer 'SULFATE ION'
5 water water
#
loop_
_entity_poly.entity_id
_entity_poly.type
_entity_poly.pdbx_seq_one_letter_code
_entity_poly.pdbx_strand_id
1 'polypeptide(L)'
;GSTMDDREDLVYQAKLAEQAERYDEMVESMKKVAGMDVELTVEERNLLSVAYKNVIGARRASWRIISSIEQKEENKGGED
KLKMIREYRQMVETELKLICCDILDVLDKHLIPAANTGESKVFYYKMKGDYHRYLAEFATGNDRKEAAENSLVAYKAASD
IAMTELPPTHPIRLGLALNFSVFYYEILNSPDRACRLAKAAFDDAIAELDTLSEESYKDSTLIMQLLRDNLTLWTSDMQG
DGEEQNKEALQDVEDENQ
;
A,B,C,D
2 'polypeptide(L)' PLPPPLPKKILTRTQ(SEP)LPTRR E,F,G,H
#
loop_
_chem_comp.id
_chem_comp.type
_chem_comp.name
_chem_comp.formula
EDO non-polymer 1,2-ETHANEDIOL 'C2 H6 O2'
SO4 non-polymer 'SULFATE ION' 'O4 S -2'
#
# COMPACT_ATOMS: atom_id res chain seq x y z
N GLY A 1 45.62 -16.94 7.74
CA GLY A 1 45.74 -18.39 7.80
C GLY A 1 45.34 -18.96 9.14
N SER A 2 45.39 -18.12 10.17
CA SER A 2 45.07 -18.56 11.52
C SER A 2 43.57 -18.84 11.65
N THR A 3 43.21 -19.51 12.73
CA THR A 3 41.80 -19.76 13.00
C THR A 3 41.04 -18.47 13.31
N MET A 4 41.72 -17.45 13.85
CA MET A 4 41.01 -16.21 14.16
C MET A 4 40.69 -15.41 12.90
N ASP A 5 41.61 -15.40 11.91
CA ASP A 5 41.27 -14.85 10.61
C ASP A 5 40.10 -15.58 10.00
N ASP A 6 40.18 -16.92 9.96
CA ASP A 6 39.06 -17.71 9.45
C ASP A 6 37.77 -17.30 10.13
N ARG A 7 37.81 -17.11 11.45
CA ARG A 7 36.61 -16.82 12.20
C ARG A 7 35.98 -15.51 11.76
N GLU A 8 36.76 -14.44 11.72
CA GLU A 8 36.21 -13.16 11.28
C GLU A 8 35.70 -13.22 9.85
N ASP A 9 36.42 -13.91 8.96
CA ASP A 9 35.94 -14.05 7.60
C ASP A 9 34.62 -14.82 7.57
N LEU A 10 34.52 -15.91 8.35
CA LEU A 10 33.28 -16.67 8.42
C LEU A 10 32.15 -15.81 8.95
N VAL A 11 32.41 -15.02 9.99
CA VAL A 11 31.34 -14.21 10.56
C VAL A 11 30.90 -13.14 9.58
N TYR A 12 31.85 -12.57 8.82
CA TYR A 12 31.48 -11.59 7.80
C TYR A 12 30.63 -12.21 6.71
N GLN A 13 30.98 -13.42 6.28
CA GLN A 13 30.14 -14.11 5.31
C GLN A 13 28.73 -14.30 5.84
N ALA A 14 28.61 -14.74 7.09
CA ALA A 14 27.26 -14.95 7.61
C ALA A 14 26.48 -13.67 7.55
N LYS A 15 27.12 -12.56 7.89
CA LYS A 15 26.45 -11.26 7.83
C LYS A 15 26.06 -10.91 6.39
N LEU A 16 26.88 -11.28 5.40
CA LEU A 16 26.47 -11.10 4.01
C LEU A 16 25.30 -12.02 3.67
N ALA A 17 25.41 -13.30 4.02
CA ALA A 17 24.33 -14.23 3.71
C ALA A 17 23.04 -13.77 4.35
N GLU A 18 23.11 -13.20 5.55
CA GLU A 18 21.91 -12.70 6.21
C GLU A 18 21.31 -11.52 5.44
N GLN A 19 22.15 -10.57 5.03
CA GLN A 19 21.68 -9.47 4.21
C GLN A 19 20.98 -9.99 2.95
N ALA A 20 21.62 -10.91 2.25
CA ALA A 20 21.05 -11.40 1.01
C ALA A 20 19.89 -12.33 1.28
N GLU A 21 19.61 -12.62 2.54
CA GLU A 21 18.54 -13.54 2.91
C GLU A 21 18.80 -14.93 2.34
N ARG A 22 20.06 -15.35 2.27
CA ARG A 22 20.41 -16.71 1.84
C ARG A 22 20.86 -17.50 3.09
N TYR A 23 19.89 -18.08 3.79
CA TYR A 23 20.16 -18.62 5.11
C TYR A 23 20.85 -19.97 5.07
N ASP A 24 20.68 -20.73 3.99
CA ASP A 24 21.44 -21.97 3.87
C ASP A 24 22.92 -21.68 3.99
N GLU A 25 23.40 -20.64 3.30
CA GLU A 25 24.81 -20.27 3.37
C GLU A 25 25.18 -19.69 4.72
N MET A 26 24.30 -18.87 5.30
CA MET A 26 24.57 -18.36 6.64
C MET A 26 24.66 -19.50 7.66
N VAL A 27 23.83 -20.54 7.53
CA VAL A 27 23.98 -21.71 8.39
C VAL A 27 25.36 -22.33 8.20
N GLU A 28 25.75 -22.54 6.94
CA GLU A 28 27.04 -23.18 6.70
C GLU A 28 28.17 -22.40 7.37
N SER A 29 28.15 -21.07 7.24
CA SER A 29 29.17 -20.24 7.86
C SER A 29 29.14 -20.32 9.38
N MET A 30 27.97 -20.10 9.99
CA MET A 30 27.92 -20.08 11.45
C MET A 30 28.22 -21.44 12.07
N LYS A 31 27.92 -22.52 11.33
CA LYS A 31 28.25 -23.85 11.82
C LYS A 31 29.76 -24.05 11.88
N LYS A 32 30.50 -23.56 10.88
CA LYS A 32 31.96 -23.62 10.90
C LYS A 32 32.55 -22.91 12.12
N VAL A 33 31.98 -21.76 12.49
CA VAL A 33 32.43 -21.03 13.66
C VAL A 33 32.20 -21.87 14.92
N ALA A 34 31.00 -22.44 15.04
CA ALA A 34 30.65 -23.27 16.19
C ALA A 34 31.58 -24.47 16.35
N GLY A 35 32.14 -24.98 15.25
CA GLY A 35 33.03 -26.11 15.29
C GLY A 35 34.39 -25.86 15.89
N MET A 36 34.75 -24.60 16.12
CA MET A 36 36.04 -24.34 16.73
C MET A 36 36.08 -24.61 18.23
N ASP A 37 34.94 -24.95 18.84
CA ASP A 37 34.89 -25.31 20.27
C ASP A 37 35.35 -24.15 21.11
N VAL A 38 34.74 -23.01 20.89
CA VAL A 38 35.07 -21.79 21.63
C VAL A 38 33.76 -21.19 22.11
N GLU A 39 33.88 -20.28 23.05
CA GLU A 39 32.71 -19.51 23.45
C GLU A 39 32.35 -18.54 22.34
N LEU A 40 31.12 -18.61 21.86
CA LEU A 40 30.70 -17.63 20.87
C LEU A 40 30.44 -16.27 21.53
N THR A 41 30.71 -15.20 20.78
CA THR A 41 30.24 -13.88 21.18
C THR A 41 28.72 -13.80 21.06
N VAL A 42 28.15 -12.79 21.72
CA VAL A 42 26.70 -12.54 21.61
C VAL A 42 26.30 -12.42 20.15
N GLU A 43 27.09 -11.68 19.36
CA GLU A 43 26.80 -11.54 17.94
C GLU A 43 26.78 -12.89 17.26
N GLU A 44 27.81 -13.71 17.51
CA GLU A 44 27.91 -14.98 16.81
C GLU A 44 26.78 -15.93 17.19
N ARG A 45 26.45 -16.02 18.47
CA ARG A 45 25.35 -16.93 18.78
C ARG A 45 24.05 -16.42 18.19
N ASN A 46 23.84 -15.09 18.17
CA ASN A 46 22.65 -14.56 17.51
C ASN A 46 22.61 -14.90 16.02
N LEU A 47 23.72 -14.69 15.31
CA LEU A 47 23.76 -15.04 13.89
C LEU A 47 23.40 -16.50 13.68
N LEU A 48 24.00 -17.38 14.48
CA LEU A 48 23.76 -18.80 14.38
C LEU A 48 22.29 -19.12 14.62
N SER A 49 21.72 -18.55 15.67
CA SER A 49 20.32 -18.80 15.98
C SER A 49 19.43 -18.35 14.84
N VAL A 50 19.70 -17.15 14.30
CA VAL A 50 18.91 -16.65 13.17
C VAL A 50 19.04 -17.56 11.97
N ALA A 51 20.27 -17.97 11.66
CA ALA A 51 20.48 -18.85 10.51
C ALA A 51 19.65 -20.11 10.64
N TYR A 52 19.72 -20.80 11.77
CA TYR A 52 19.00 -22.05 11.86
C TYR A 52 17.50 -21.83 11.93
N LYS A 53 17.06 -20.77 12.62
CA LYS A 53 15.63 -20.51 12.74
C LYS A 53 14.99 -20.27 11.37
N ASN A 54 15.66 -19.51 10.51
CA ASN A 54 15.09 -19.26 9.19
C ASN A 54 15.04 -20.55 8.38
N VAL A 55 16.12 -21.33 8.41
CA VAL A 55 16.14 -22.57 7.65
C VAL A 55 15.03 -23.52 8.10
N ILE A 56 14.87 -23.72 9.41
CA ILE A 56 13.84 -24.65 9.88
C ILE A 56 12.44 -24.05 9.68
N GLY A 57 12.31 -22.75 9.89
CA GLY A 57 10.98 -22.15 9.84
C GLY A 57 10.31 -22.27 8.50
N ALA A 58 11.07 -22.13 7.41
CA ALA A 58 10.51 -22.33 6.08
C ALA A 58 9.85 -23.71 5.98
N ARG A 59 10.54 -24.76 6.44
CA ARG A 59 9.97 -26.11 6.43
C ARG A 59 8.80 -26.23 7.40
N ARG A 60 8.91 -25.64 8.60
CA ARG A 60 7.80 -25.73 9.52
C ARG A 60 6.54 -25.11 8.92
N ALA A 61 6.69 -23.96 8.23
CA ALA A 61 5.54 -23.36 7.55
C ALA A 61 5.04 -24.25 6.40
N SER A 62 5.95 -24.78 5.58
CA SER A 62 5.53 -25.68 4.51
C SER A 62 4.78 -26.88 5.09
N TRP A 63 5.29 -27.44 6.18
CA TRP A 63 4.65 -28.60 6.79
C TRP A 63 3.23 -28.28 7.27
N ARG A 64 3.04 -27.11 7.92
CA ARG A 64 1.71 -26.77 8.41
C ARG A 64 0.73 -26.60 7.26
N ILE A 65 1.14 -25.95 6.17
CA ILE A 65 0.25 -25.78 5.03
C ILE A 65 -0.13 -27.13 4.43
N ILE A 66 0.86 -27.99 4.21
CA ILE A 66 0.62 -29.30 3.61
C ILE A 66 -0.31 -30.13 4.48
N SER A 67 -0.09 -30.09 5.80
CA SER A 67 -0.96 -30.82 6.72
C SER A 67 -2.39 -30.31 6.63
N SER A 68 -2.55 -28.99 6.51
CA SER A 68 -3.87 -28.41 6.29
C SER A 68 -4.52 -29.00 5.05
N ILE A 69 -3.79 -29.00 3.93
CA ILE A 69 -4.32 -29.58 2.70
C ILE A 69 -4.61 -31.04 2.91
N GLU A 70 -3.77 -31.73 3.68
CA GLU A 70 -3.99 -33.15 3.91
C GLU A 70 -5.30 -33.38 4.65
N GLN A 71 -5.59 -32.56 5.66
CA GLN A 71 -6.85 -32.69 6.39
C GLN A 71 -8.03 -32.47 5.46
N LYS A 72 -8.01 -31.38 4.68
CA LYS A 72 -9.11 -31.10 3.76
C LYS A 72 -9.37 -32.27 2.81
N GLU A 73 -8.31 -32.87 2.28
CA GLU A 73 -8.48 -33.97 1.32
C GLU A 73 -8.99 -35.23 2.00
N GLU A 74 -8.53 -35.49 3.22
CA GLU A 74 -9.04 -36.63 3.98
C GLU A 74 -10.55 -36.50 4.21
N ASN A 75 -11.02 -35.29 4.50
CA ASN A 75 -12.45 -35.05 4.63
C ASN A 75 -13.18 -35.28 3.31
N LYS A 76 -12.58 -34.83 2.19
CA LYS A 76 -13.21 -35.00 0.89
C LYS A 76 -13.17 -36.46 0.45
N GLY A 77 -12.07 -37.15 0.74
CA GLY A 77 -11.91 -38.54 0.35
C GLY A 77 -11.06 -38.80 -0.89
N GLY A 78 -10.20 -37.85 -1.29
CA GLY A 78 -9.35 -38.10 -2.44
C GLY A 78 -8.06 -38.84 -2.15
N GLU A 79 -8.08 -40.16 -2.32
CA GLU A 79 -6.95 -40.98 -1.94
C GLU A 79 -5.73 -40.72 -2.81
N ASP A 80 -5.94 -40.61 -4.12
CA ASP A 80 -4.83 -40.36 -5.02
C ASP A 80 -4.21 -39.02 -4.73
N LYS A 81 -5.03 -37.99 -4.51
CA LYS A 81 -4.46 -36.72 -4.10
C LYS A 81 -3.66 -36.90 -2.80
N LEU A 82 -4.22 -37.68 -1.86
CA LEU A 82 -3.59 -37.89 -0.57
C LEU A 82 -2.28 -38.63 -0.69
N LYS A 83 -2.17 -39.56 -1.64
CA LYS A 83 -0.87 -40.23 -1.80
C LYS A 83 0.21 -39.20 -2.10
N MET A 84 -0.09 -38.27 -3.00
CA MET A 84 0.87 -37.21 -3.33
C MET A 84 1.12 -36.30 -2.13
N ILE A 85 0.05 -35.91 -1.42
CA ILE A 85 0.19 -35.02 -0.27
C ILE A 85 1.09 -35.63 0.79
N ARG A 86 0.85 -36.89 1.15
CA ARG A 86 1.67 -37.52 2.17
C ARG A 86 3.11 -37.67 1.72
N GLU A 87 3.33 -38.01 0.45
CA GLU A 87 4.71 -38.03 -0.01
C GLU A 87 5.35 -36.66 0.17
N TYR A 88 4.62 -35.59 -0.14
CA TYR A 88 5.17 -34.25 0.04
C TYR A 88 5.46 -33.96 1.52
N ARG A 89 4.49 -34.25 2.39
CA ARG A 89 4.72 -34.04 3.83
C ARG A 89 5.94 -34.83 4.30
N GLN A 90 6.06 -36.08 3.87
CA GLN A 90 7.17 -36.90 4.31
C GLN A 90 8.50 -36.32 3.84
N MET A 91 8.54 -35.77 2.64
CA MET A 91 9.77 -35.16 2.19
C MET A 91 10.13 -33.96 3.08
N VAL A 92 9.16 -33.09 3.38
CA VAL A 92 9.45 -31.96 4.24
C VAL A 92 9.84 -32.44 5.64
N GLU A 93 9.21 -33.50 6.12
CA GLU A 93 9.55 -34.03 7.43
C GLU A 93 11.00 -34.54 7.46
N THR A 94 11.46 -35.15 6.35
CA THR A 94 12.85 -35.59 6.29
C THR A 94 13.81 -34.40 6.36
N GLU A 95 13.51 -33.33 5.62
CA GLU A 95 14.31 -32.13 5.76
C GLU A 95 14.30 -31.64 7.21
N LEU A 96 13.13 -31.64 7.85
CA LEU A 96 13.05 -31.19 9.24
C LEU A 96 13.97 -32.02 10.14
N LYS A 97 13.95 -33.35 9.99
CA LYS A 97 14.80 -34.18 10.83
C LYS A 97 16.27 -33.83 10.62
N LEU A 98 16.68 -33.68 9.35
CA LEU A 98 18.06 -33.40 9.04
C LEU A 98 18.50 -32.08 9.66
N ILE A 99 17.69 -31.04 9.52
CA ILE A 99 18.01 -29.74 10.09
C ILE A 99 18.08 -29.83 11.60
N CYS A 100 17.05 -30.41 12.23
CA CYS A 100 17.04 -30.47 13.70
C CYS A 100 18.23 -31.23 14.23
N CYS A 101 18.51 -32.40 13.65
CA CYS A 101 19.66 -33.17 14.08
C CYS A 101 20.95 -32.42 13.82
N ASP A 102 21.03 -31.65 12.74
CA ASP A 102 22.25 -30.92 12.44
C ASP A 102 22.61 -30.00 13.59
N ILE A 103 21.70 -29.11 13.97
CA ILE A 103 21.99 -28.14 15.03
C ILE A 103 22.09 -28.85 16.38
N LEU A 104 21.28 -29.88 16.61
CA LEU A 104 21.33 -30.59 17.89
C LEU A 104 22.69 -31.24 18.09
N ASP A 105 23.27 -31.80 17.02
CA ASP A 105 24.63 -32.33 17.12
C ASP A 105 25.65 -31.22 17.37
N VAL A 106 25.53 -30.12 16.63
CA VAL A 106 26.41 -28.99 16.87
C VAL A 106 26.32 -28.55 18.33
N LEU A 107 25.09 -28.43 18.83
CA LEU A 107 24.90 -28.03 20.23
C LEU A 107 25.57 -29.03 21.17
N ASP A 108 25.36 -30.33 20.94
CA ASP A 108 25.83 -31.31 21.90
C ASP A 108 27.33 -31.51 21.84
N LYS A 109 27.92 -31.47 20.65
CA LYS A 109 29.32 -31.77 20.44
C LYS A 109 30.23 -30.54 20.54
N HIS A 110 29.69 -29.34 20.36
CA HIS A 110 30.56 -28.17 20.27
C HIS A 110 30.12 -27.02 21.17
N LEU A 111 28.89 -26.53 20.99
CA LEU A 111 28.46 -25.31 21.67
C LEU A 111 28.37 -25.51 23.19
N ILE A 112 27.56 -26.47 23.62
CA ILE A 112 27.35 -26.68 25.06
C ILE A 112 28.65 -27.08 25.77
N PRO A 113 29.45 -28.02 25.26
CA PRO A 113 30.69 -28.32 25.97
C PRO A 113 31.60 -27.12 26.13
N ALA A 114 31.57 -26.16 25.20
CA ALA A 114 32.45 -24.99 25.31
C ALA A 114 31.81 -23.80 26.01
N ALA A 115 30.51 -23.82 26.28
CA ALA A 115 29.88 -22.67 26.92
C ALA A 115 30.42 -22.47 28.33
N ASN A 116 30.77 -21.22 28.65
CA ASN A 116 31.37 -20.86 29.92
C ASN A 116 30.63 -19.74 30.65
N THR A 117 29.59 -19.17 30.07
CA THR A 117 28.83 -18.16 30.78
C THR A 117 27.38 -18.61 30.93
N GLY A 118 26.70 -18.00 31.90
CA GLY A 118 25.31 -18.35 32.14
C GLY A 118 24.41 -18.01 30.97
N GLU A 119 24.58 -16.81 30.40
CA GLU A 119 23.77 -16.45 29.23
C GLU A 119 23.89 -17.50 28.14
N SER A 120 25.11 -17.91 27.78
CA SER A 120 25.30 -18.81 26.66
C SER A 120 24.81 -20.23 26.97
N LYS A 121 25.01 -20.71 28.20
CA LYS A 121 24.46 -22.03 28.55
C LYS A 121 22.93 -22.01 28.47
N VAL A 122 22.29 -21.02 29.08
CA VAL A 122 20.84 -20.93 28.95
C VAL A 122 20.45 -20.89 27.47
N PHE A 123 21.17 -20.08 26.70
CA PHE A 123 20.90 -19.93 25.27
C PHE A 123 20.95 -21.29 24.57
N TYR A 124 22.01 -22.06 24.79
CA TYR A 124 22.16 -23.32 24.06
C TYR A 124 21.18 -24.38 24.55
N TYR A 125 20.95 -24.50 25.86
CA TYR A 125 19.97 -25.50 26.29
C TYR A 125 18.58 -25.12 25.82
N LYS A 126 18.28 -23.83 25.70
CA LYS A 126 16.99 -23.43 25.14
C LYS A 126 16.87 -23.82 23.68
N MET A 127 17.93 -23.61 22.89
CA MET A 127 17.90 -24.08 21.50
C MET A 127 17.64 -25.58 21.44
N LYS A 128 18.38 -26.33 22.26
CA LYS A 128 18.18 -27.76 22.33
C LYS A 128 16.71 -28.07 22.61
N GLY A 129 16.12 -27.39 23.60
CA GLY A 129 14.70 -27.56 23.84
C GLY A 129 13.88 -27.22 22.61
N ASP A 130 14.21 -26.12 21.94
CA ASP A 130 13.47 -25.71 20.75
C ASP A 130 13.49 -26.81 19.69
N TYR A 131 14.67 -27.32 19.37
CA TYR A 131 14.77 -28.19 18.20
C TYR A 131 14.30 -29.60 18.48
N HIS A 132 14.41 -30.05 19.73
CA HIS A 132 13.68 -31.26 20.10
C HIS A 132 12.17 -31.03 20.05
N ARG A 133 11.72 -29.81 20.35
CA ARG A 133 10.29 -29.51 20.24
C ARG A 133 9.82 -29.52 18.78
N TYR A 134 10.66 -29.03 17.86
CA TYR A 134 10.28 -29.07 16.46
C TYR A 134 10.18 -30.51 15.97
N LEU A 135 11.09 -31.38 16.41
CA LEU A 135 10.98 -32.80 16.09
C LEU A 135 9.66 -33.37 16.61
N ALA A 136 9.31 -33.06 17.86
CA ALA A 136 8.06 -33.54 18.44
C ALA A 136 6.84 -33.00 17.70
N GLU A 137 6.97 -31.89 16.97
CA GLU A 137 5.80 -31.29 16.33
C GLU A 137 5.17 -32.24 15.32
N PHE A 138 5.99 -33.00 14.58
CA PHE A 138 5.48 -33.91 13.57
C PHE A 138 5.80 -35.36 13.86
N ALA A 139 6.47 -35.67 14.97
CA ALA A 139 6.76 -37.06 15.31
C ALA A 139 5.46 -37.78 15.70
N THR A 140 5.53 -39.11 15.75
CA THR A 140 4.38 -39.92 16.15
C THR A 140 4.86 -41.13 16.94
N GLY A 141 3.98 -41.61 17.82
CA GLY A 141 4.27 -42.84 18.54
C GLY A 141 5.42 -42.66 19.51
N ASN A 142 6.36 -43.59 19.46
CA ASN A 142 7.53 -43.55 20.34
C ASN A 142 8.44 -42.37 20.01
N ASP A 143 8.72 -42.16 18.71
CA ASP A 143 9.59 -41.04 18.36
C ASP A 143 9.09 -39.75 18.97
N ARG A 144 7.77 -39.59 19.06
CA ARG A 144 7.20 -38.38 19.66
C ARG A 144 7.48 -38.31 21.16
N LYS A 145 7.27 -39.42 21.88
CA LYS A 145 7.54 -39.45 23.31
C LYS A 145 8.99 -39.10 23.57
N GLU A 146 9.90 -39.64 22.75
CA GLU A 146 11.32 -39.36 22.93
C GLU A 146 11.64 -37.89 22.68
N ALA A 147 11.14 -37.32 21.57
CA ALA A 147 11.39 -35.92 21.29
C ALA A 147 10.87 -35.04 22.42
N ALA A 148 9.66 -35.34 22.91
CA ALA A 148 9.08 -34.59 24.01
C ALA A 148 9.97 -34.62 25.25
N GLU A 149 10.46 -35.82 25.60
CA GLU A 149 11.35 -35.98 26.74
C GLU A 149 12.63 -35.16 26.55
N ASN A 150 13.24 -35.24 25.37
CA ASN A 150 14.47 -34.50 25.14
C ASN A 150 14.22 -33.01 25.27
N SER A 151 13.14 -32.54 24.66
CA SER A 151 12.77 -31.13 24.80
C SER A 151 12.56 -30.76 26.27
N LEU A 152 11.76 -31.57 27.00
CA LEU A 152 11.49 -31.20 28.38
C LEU A 152 12.78 -31.14 29.18
N VAL A 153 13.63 -32.16 29.05
CA VAL A 153 14.84 -32.20 29.84
C VAL A 153 15.73 -31.00 29.52
N ALA A 154 15.86 -30.67 28.23
CA ALA A 154 16.70 -29.53 27.84
C ALA A 154 16.14 -28.20 28.37
N TYR A 155 14.82 -27.98 28.24
CA TYR A 155 14.22 -26.78 28.81
C TYR A 155 14.40 -26.74 30.32
N LYS A 156 14.26 -27.89 31.00
CA LYS A 156 14.44 -27.88 32.44
C LYS A 156 15.88 -27.52 32.80
N ALA A 157 16.84 -28.04 32.03
CA ALA A 157 18.23 -27.67 32.28
C ALA A 157 18.42 -26.17 32.10
N ALA A 158 17.96 -25.63 30.96
CA ALA A 158 18.03 -24.19 30.72
C ALA A 158 17.39 -23.40 31.87
N SER A 159 16.23 -23.84 32.34
CA SER A 159 15.56 -23.12 33.42
C SER A 159 16.34 -23.17 34.71
N ASP A 160 16.98 -24.31 35.00
CA ASP A 160 17.74 -24.44 36.23
C ASP A 160 18.95 -23.52 36.22
N ILE A 161 19.60 -23.39 35.06
CA ILE A 161 20.69 -22.44 34.99
C ILE A 161 20.15 -21.02 35.05
N ALA A 162 19.04 -20.74 34.36
CA ALA A 162 18.55 -19.37 34.25
C ALA A 162 18.11 -18.80 35.59
N MET A 163 17.41 -19.59 36.40
CA MET A 163 16.92 -19.04 37.65
C MET A 163 18.05 -18.72 38.65
N THR A 164 19.24 -19.30 38.48
CA THR A 164 20.35 -18.93 39.37
C THR A 164 21.36 -18.00 38.72
N GLU A 165 21.36 -17.85 37.40
CA GLU A 165 22.41 -17.10 36.76
C GLU A 165 21.94 -15.87 35.99
N LEU A 166 20.66 -15.75 35.67
CA LEU A 166 20.14 -14.61 34.92
C LEU A 166 19.04 -13.92 35.72
N PRO A 167 18.98 -12.58 35.68
CA PRO A 167 17.90 -11.90 36.40
C PRO A 167 16.57 -12.17 35.76
N PRO A 168 15.47 -12.16 36.53
CA PRO A 168 14.16 -12.53 35.97
C PRO A 168 13.69 -11.61 34.86
N THR A 169 14.31 -10.44 34.72
CA THR A 169 14.02 -9.54 33.62
C THR A 169 14.89 -9.80 32.42
N HIS A 170 15.79 -10.76 32.50
CA HIS A 170 16.73 -10.96 31.41
C HIS A 170 15.99 -11.50 30.19
N PRO A 171 16.20 -10.90 29.02
CA PRO A 171 15.46 -11.36 27.84
C PRO A 171 15.69 -12.83 27.50
N ILE A 172 16.90 -13.36 27.71
CA ILE A 172 17.08 -14.79 27.43
C ILE A 172 16.26 -15.61 28.39
N ARG A 173 16.21 -15.21 29.66
CA ARG A 173 15.36 -15.92 30.60
C ARG A 173 13.89 -15.83 30.20
N LEU A 174 13.42 -14.62 29.86
CA LEU A 174 12.02 -14.45 29.47
C LEU A 174 11.72 -15.25 28.21
N GLY A 175 12.60 -15.17 27.21
CA GLY A 175 12.39 -15.94 25.99
C GLY A 175 12.36 -17.44 26.23
N LEU A 176 13.19 -17.91 27.16
CA LEU A 176 13.13 -19.31 27.58
C LEU A 176 11.78 -19.65 28.20
N ALA A 177 11.28 -18.77 29.08
CA ALA A 177 9.96 -19.01 29.66
C ALA A 177 8.88 -19.05 28.58
N LEU A 178 8.98 -18.16 27.59
CA LEU A 178 7.98 -18.14 26.53
C LEU A 178 7.95 -19.47 25.79
N ASN A 179 9.11 -19.92 25.30
CA ASN A 179 9.15 -21.14 24.48
C ASN A 179 8.85 -22.39 25.31
N PHE A 180 9.31 -22.42 26.55
CA PHE A 180 9.01 -23.53 27.45
C PHE A 180 7.51 -23.61 27.76
N SER A 181 6.84 -22.47 27.96
CA SER A 181 5.40 -22.52 28.17
C SER A 181 4.67 -22.99 26.91
N VAL A 182 5.11 -22.52 25.73
CA VAL A 182 4.54 -22.99 24.47
C VAL A 182 4.68 -24.50 24.36
N PHE A 183 5.83 -25.03 24.80
CA PHE A 183 6.04 -26.47 24.80
C PHE A 183 4.99 -27.16 25.65
N TYR A 184 4.75 -26.66 26.86
CA TYR A 184 3.72 -27.24 27.70
C TYR A 184 2.37 -27.22 27.01
N TYR A 185 2.08 -26.15 26.26
CA TYR A 185 0.78 -26.01 25.61
C TYR A 185 0.67 -26.88 24.36
N GLU A 186 1.66 -26.82 23.48
CA GLU A 186 1.53 -27.46 22.18
C GLU A 186 1.97 -28.92 22.15
N ILE A 187 2.98 -29.30 22.93
CA ILE A 187 3.50 -30.66 22.88
C ILE A 187 2.92 -31.52 23.99
N LEU A 188 2.98 -31.06 25.25
CA LEU A 188 2.43 -31.84 26.36
C LEU A 188 0.95 -31.63 26.53
N ASN A 189 0.37 -30.64 25.85
CA ASN A 189 -1.06 -30.36 25.93
C ASN A 189 -1.51 -30.13 27.37
N SER A 190 -0.67 -29.46 28.16
CA SER A 190 -0.99 -29.07 29.52
C SER A 190 -1.17 -27.57 29.60
N PRO A 191 -2.37 -27.05 29.31
CA PRO A 191 -2.57 -25.59 29.36
C PRO A 191 -2.34 -24.99 30.73
N ASP A 192 -2.71 -25.70 31.80
CA ASP A 192 -2.50 -25.17 33.14
C ASP A 192 -1.04 -24.86 33.40
N ARG A 193 -0.15 -25.82 33.12
CA ARG A 193 1.27 -25.57 33.34
C ARG A 193 1.78 -24.47 32.42
N ALA A 194 1.33 -24.46 31.16
CA ALA A 194 1.75 -23.40 30.26
C ALA A 194 1.42 -22.04 30.84
N CYS A 195 0.20 -21.86 31.32
CA CYS A 195 -0.18 -20.58 31.90
C CYS A 195 0.65 -20.27 33.14
N ARG A 196 0.70 -21.22 34.09
CA ARG A 196 1.41 -20.95 35.34
C ARG A 196 2.86 -20.57 35.08
N LEU A 197 3.49 -21.17 34.05
CA LEU A 197 4.83 -20.77 33.66
C LEU A 197 4.86 -19.33 33.11
N ALA A 198 4.01 -19.04 32.12
CA ALA A 198 4.00 -17.70 31.55
C ALA A 198 3.75 -16.65 32.63
N LYS A 199 2.72 -16.87 33.46
CA LYS A 199 2.36 -15.89 34.49
C LYS A 199 3.50 -15.66 35.48
N ALA A 200 4.13 -16.74 35.95
CA ALA A 200 5.22 -16.61 36.91
C ALA A 200 6.36 -15.80 36.30
N ALA A 201 6.78 -16.17 35.08
CA ALA A 201 7.84 -15.43 34.39
C ALA A 201 7.47 -13.97 34.24
N PHE A 202 6.25 -13.70 33.80
CA PHE A 202 5.81 -12.33 33.63
C PHE A 202 5.87 -11.57 34.94
N ASP A 203 5.35 -12.18 36.01
CA ASP A 203 5.27 -11.50 37.30
C ASP A 203 6.64 -11.22 37.89
N ASP A 204 7.56 -12.19 37.83
CA ASP A 204 8.90 -11.96 38.37
C ASP A 204 9.61 -10.83 37.67
N ALA A 205 9.40 -10.69 36.34
CA ALA A 205 10.06 -9.62 35.60
C ALA A 205 9.45 -8.27 35.91
N ILE A 206 8.13 -8.19 36.01
CA ILE A 206 7.49 -6.90 36.25
C ILE A 206 7.95 -6.34 37.59
N ALA A 207 8.23 -7.23 38.56
CA ALA A 207 8.66 -6.78 39.88
C ALA A 207 9.97 -6.03 39.81
N GLU A 208 10.93 -6.49 38.99
CA GLU A 208 12.25 -5.89 38.94
C GLU A 208 12.52 -5.12 37.64
N LEU A 209 11.48 -4.69 36.94
CA LEU A 209 11.69 -4.01 35.67
C LEU A 209 12.47 -2.71 35.83
N ASP A 210 12.43 -2.11 37.03
CA ASP A 210 13.10 -0.82 37.27
C ASP A 210 14.62 -0.89 37.12
N THR A 211 15.22 -2.07 37.26
CA THR A 211 16.66 -2.19 37.15
C THR A 211 17.09 -2.35 35.71
N LEU A 212 16.19 -2.82 34.86
CA LEU A 212 16.44 -2.98 33.43
C LEU A 212 17.07 -1.72 32.84
N SER A 213 17.94 -1.91 31.85
CA SER A 213 18.61 -0.81 31.20
C SER A 213 17.72 -0.12 30.17
N GLU A 214 18.13 -0.16 28.90
N GLU A 214 18.13 -0.16 28.90
CA GLU A 214 17.36 0.47 27.83
CA GLU A 214 17.36 0.47 27.83
C GLU A 214 17.14 -0.51 26.69
C GLU A 214 17.14 -0.51 26.69
N GLU A 215 18.21 -0.82 25.96
CA GLU A 215 18.13 -1.83 24.91
C GLU A 215 17.57 -3.14 25.46
N SER A 216 17.96 -3.52 26.68
CA SER A 216 17.33 -4.69 27.27
C SER A 216 15.89 -4.41 27.71
N TYR A 217 15.57 -3.15 28.02
CA TYR A 217 14.19 -2.81 28.39
C TYR A 217 13.26 -3.07 27.21
N LYS A 218 13.67 -2.63 26.02
CA LYS A 218 12.86 -2.85 24.82
C LYS A 218 12.61 -4.34 24.62
N ASP A 219 13.69 -5.13 24.56
CA ASP A 219 13.56 -6.56 24.30
C ASP A 219 12.76 -7.25 25.39
N SER A 220 12.99 -6.88 26.65
CA SER A 220 12.27 -7.53 27.74
C SER A 220 10.78 -7.22 27.70
N THR A 221 10.42 -5.95 27.52
CA THR A 221 9.00 -5.62 27.50
C THR A 221 8.31 -6.28 26.32
N LEU A 222 9.00 -6.35 25.18
CA LEU A 222 8.41 -7.03 24.02
C LEU A 222 8.14 -8.50 24.31
N ILE A 223 9.09 -9.20 24.95
CA ILE A 223 8.85 -10.59 25.30
C ILE A 223 7.75 -10.70 26.36
N MET A 224 7.70 -9.75 27.28
CA MET A 224 6.64 -9.81 28.26
C MET A 224 5.27 -9.63 27.60
N GLN A 225 5.22 -8.85 26.52
CA GLN A 225 3.96 -8.71 25.80
C GLN A 225 3.57 -10.00 25.09
N LEU A 226 4.53 -10.75 24.58
CA LEU A 226 4.22 -12.05 24.02
C LEU A 226 3.71 -13.00 25.08
N LEU A 227 4.35 -13.00 26.25
CA LEU A 227 3.83 -13.82 27.35
C LEU A 227 2.40 -13.42 27.70
N ARG A 228 2.12 -12.12 27.78
CA ARG A 228 0.76 -11.69 28.06
C ARG A 228 -0.19 -12.10 26.94
N ASP A 229 0.25 -11.93 25.68
CA ASP A 229 -0.61 -12.33 24.57
C ASP A 229 -0.96 -13.81 24.63
N ASN A 230 0.03 -14.67 24.79
CA ASN A 230 -0.25 -16.10 24.89
C ASN A 230 -1.21 -16.39 26.05
N LEU A 231 -1.00 -15.73 27.19
CA LEU A 231 -1.87 -15.96 28.34
C LEU A 231 -3.30 -15.59 28.03
N THR A 232 -3.52 -14.39 27.51
CA THR A 232 -4.88 -13.97 27.19
C THR A 232 -5.53 -14.98 26.25
N LEU A 233 -4.79 -15.44 25.24
CA LEU A 233 -5.36 -16.39 24.29
C LEU A 233 -5.72 -17.71 24.97
N TRP A 234 -4.80 -18.25 25.77
CA TRP A 234 -5.05 -19.54 26.41
C TRP A 234 -6.18 -19.44 27.43
N THR A 235 -6.22 -18.35 28.19
CA THR A 235 -7.30 -18.15 29.16
C THR A 235 -8.63 -17.83 28.48
N SER A 236 -8.60 -17.28 27.26
CA SER A 236 -9.83 -17.04 26.51
C SER A 236 -10.68 -18.31 26.44
N ASP B 5 -2.83 -37.80 -17.19
CA ASP B 5 -2.71 -38.05 -15.77
C ASP B 5 -1.38 -37.53 -15.32
N ASP B 6 -0.31 -37.95 -15.98
CA ASP B 6 0.98 -37.37 -15.64
C ASP B 6 0.85 -35.86 -15.60
N ARG B 7 0.21 -35.30 -16.64
CA ARG B 7 0.00 -33.85 -16.67
C ARG B 7 -0.88 -33.41 -15.51
N GLU B 8 -1.99 -34.11 -15.28
CA GLU B 8 -2.88 -33.76 -14.18
C GLU B 8 -2.18 -33.87 -12.84
N ASP B 9 -1.38 -34.93 -12.65
CA ASP B 9 -0.59 -35.06 -11.42
C ASP B 9 0.46 -33.97 -11.32
N LEU B 10 1.12 -33.67 -12.45
CA LEU B 10 2.14 -32.64 -12.44
C LEU B 10 1.55 -31.31 -12.02
N VAL B 11 0.37 -30.96 -12.54
CA VAL B 11 -0.24 -29.68 -12.22
C VAL B 11 -0.69 -29.65 -10.76
N TYR B 12 -1.20 -30.78 -10.24
CA TYR B 12 -1.54 -30.84 -8.83
C TYR B 12 -0.30 -30.68 -7.96
N GLN B 13 0.83 -31.29 -8.34
CA GLN B 13 2.06 -31.09 -7.59
C GLN B 13 2.46 -29.64 -7.55
N ALA B 14 2.38 -28.96 -8.70
CA ALA B 14 2.74 -27.55 -8.71
C ALA B 14 1.86 -26.77 -7.75
N LYS B 15 0.55 -27.08 -7.71
CA LYS B 15 -0.33 -26.38 -6.80
C LYS B 15 0.01 -26.63 -5.33
N LEU B 16 0.51 -27.82 -5.00
CA LEU B 16 1.02 -28.05 -3.65
C LEU B 16 2.29 -27.23 -3.37
N ALA B 17 3.26 -27.28 -4.29
CA ALA B 17 4.52 -26.55 -4.08
C ALA B 17 4.27 -25.06 -3.94
N GLU B 18 3.32 -24.54 -4.72
CA GLU B 18 2.97 -23.14 -4.59
C GLU B 18 2.39 -22.85 -3.20
N GLN B 19 1.48 -23.72 -2.74
CA GLN B 19 0.94 -23.58 -1.39
C GLN B 19 2.05 -23.65 -0.35
N ALA B 20 2.97 -24.58 -0.49
CA ALA B 20 4.06 -24.69 0.47
C ALA B 20 5.13 -23.62 0.29
N GLU B 21 5.05 -22.85 -0.80
CA GLU B 21 6.04 -21.83 -1.14
C GLU B 21 7.40 -22.46 -1.39
N ARG B 22 7.40 -23.67 -1.94
CA ARG B 22 8.62 -24.37 -2.35
C ARG B 22 8.71 -24.29 -3.87
N TYR B 23 9.30 -23.19 -4.35
CA TYR B 23 9.20 -22.84 -5.76
C TYR B 23 10.16 -23.61 -6.64
N ASP B 24 11.28 -24.10 -6.11
CA ASP B 24 12.13 -24.97 -6.91
C ASP B 24 11.36 -26.20 -7.38
N GLU B 25 10.57 -26.79 -6.47
CA GLU B 25 9.78 -27.96 -6.84
C GLU B 25 8.65 -27.59 -7.79
N MET B 26 8.04 -26.44 -7.57
CA MET B 26 7.02 -25.99 -8.50
C MET B 26 7.59 -25.78 -9.90
N VAL B 27 8.80 -25.24 -10.00
CA VAL B 27 9.43 -25.12 -11.30
C VAL B 27 9.63 -26.49 -11.92
N GLU B 28 10.15 -27.44 -11.12
CA GLU B 28 10.41 -28.77 -11.66
C GLU B 28 9.14 -29.37 -12.28
N SER B 29 8.01 -29.26 -11.58
CA SER B 29 6.76 -29.81 -12.09
C SER B 29 6.31 -29.11 -13.36
N MET B 30 6.20 -27.77 -13.32
CA MET B 30 5.67 -27.06 -14.47
C MET B 30 6.58 -27.19 -15.68
N LYS B 31 7.88 -27.37 -15.45
CA LYS B 31 8.78 -27.53 -16.59
C LYS B 31 8.49 -28.84 -17.33
N LYS B 32 8.24 -29.94 -16.59
CA LYS B 32 7.84 -31.18 -17.24
C LYS B 32 6.58 -30.97 -18.09
N VAL B 33 5.65 -30.17 -17.60
CA VAL B 33 4.41 -29.89 -18.35
C VAL B 33 4.75 -29.16 -19.66
N ALA B 34 5.52 -28.09 -19.57
CA ALA B 34 5.87 -27.34 -20.78
C ALA B 34 6.57 -28.21 -21.83
N GLY B 35 7.34 -29.21 -21.39
CA GLY B 35 8.04 -30.10 -22.30
C GLY B 35 7.13 -31.03 -23.05
N MET B 36 5.87 -31.09 -22.67
CA MET B 36 4.94 -31.99 -23.32
C MET B 36 4.54 -31.53 -24.71
N ASP B 37 4.93 -30.32 -25.11
CA ASP B 37 4.66 -29.81 -26.45
C ASP B 37 3.16 -29.75 -26.72
N VAL B 38 2.44 -29.14 -25.80
CA VAL B 38 1.00 -28.98 -25.87
C VAL B 38 0.68 -27.53 -25.57
N GLU B 39 -0.52 -27.12 -25.96
CA GLU B 39 -1.01 -25.82 -25.53
C GLU B 39 -1.40 -25.89 -24.07
N LEU B 40 -0.75 -25.09 -23.22
CA LEU B 40 -1.09 -25.04 -21.81
C LEU B 40 -2.39 -24.27 -21.59
N THR B 41 -3.13 -24.67 -20.57
CA THR B 41 -4.25 -23.87 -20.11
C THR B 41 -3.75 -22.58 -19.46
N VAL B 42 -4.68 -21.62 -19.30
CA VAL B 42 -4.35 -20.39 -18.58
C VAL B 42 -3.82 -20.72 -17.20
N GLU B 43 -4.47 -21.66 -16.51
CA GLU B 43 -4.00 -22.04 -15.18
C GLU B 43 -2.55 -22.50 -15.25
N GLU B 44 -2.24 -23.44 -16.15
CA GLU B 44 -0.87 -23.95 -16.21
C GLU B 44 0.11 -22.85 -16.55
N ARG B 45 -0.28 -21.92 -17.43
CA ARG B 45 0.57 -20.79 -17.77
C ARG B 45 0.90 -19.97 -16.53
N ASN B 46 -0.12 -19.66 -15.73
CA ASN B 46 0.12 -18.91 -14.51
C ASN B 46 1.04 -19.67 -13.57
N LEU B 47 0.77 -20.95 -13.37
CA LEU B 47 1.64 -21.77 -12.52
C LEU B 47 3.08 -21.67 -12.98
N LEU B 48 3.31 -21.82 -14.29
CA LEU B 48 4.66 -21.79 -14.80
C LEU B 48 5.33 -20.46 -14.50
N SER B 49 4.68 -19.35 -14.82
CA SER B 49 5.32 -18.05 -14.62
C SER B 49 5.57 -17.78 -13.15
N VAL B 50 4.61 -18.13 -12.28
CA VAL B 50 4.77 -17.88 -10.84
C VAL B 50 5.97 -18.65 -10.30
N ALA B 51 6.10 -19.92 -10.68
CA ALA B 51 7.24 -20.72 -10.24
C ALA B 51 8.56 -20.05 -10.62
N TYR B 52 8.71 -19.64 -11.88
CA TYR B 52 9.99 -19.10 -12.33
C TYR B 52 10.21 -17.69 -11.78
N LYS B 53 9.17 -16.86 -11.73
CA LYS B 53 9.31 -15.52 -11.20
C LYS B 53 9.80 -15.55 -9.75
N ASN B 54 9.28 -16.49 -8.95
CA ASN B 54 9.73 -16.60 -7.57
C ASN B 54 11.16 -17.10 -7.46
N VAL B 55 11.53 -18.11 -8.25
CA VAL B 55 12.92 -18.58 -8.20
C VAL B 55 13.88 -17.46 -8.58
N ILE B 56 13.58 -16.74 -9.67
CA ILE B 56 14.46 -15.66 -10.15
C ILE B 56 14.40 -14.47 -9.20
N GLY B 57 13.23 -14.19 -8.63
CA GLY B 57 13.09 -13.01 -7.81
C GLY B 57 13.94 -13.06 -6.56
N ALA B 58 14.02 -14.22 -5.93
CA ALA B 58 14.89 -14.36 -4.76
C ALA B 58 16.33 -13.97 -5.12
N ARG B 59 16.83 -14.46 -6.27
CA ARG B 59 18.19 -14.10 -6.69
C ARG B 59 18.30 -12.62 -7.05
N ARG B 60 17.30 -12.09 -7.76
CA ARG B 60 17.36 -10.67 -8.12
C ARG B 60 17.43 -9.79 -6.87
N ALA B 61 16.67 -10.15 -5.82
CA ALA B 61 16.77 -9.38 -4.58
C ALA B 61 18.14 -9.55 -3.92
N SER B 62 18.63 -10.79 -3.83
CA SER B 62 19.97 -11.02 -3.28
C SER B 62 21.02 -10.25 -4.06
N TRP B 63 20.92 -10.26 -5.38
CA TRP B 63 21.93 -9.55 -6.17
C TRP B 63 21.92 -8.05 -5.88
N ARG B 64 20.74 -7.43 -5.80
CA ARG B 64 20.66 -5.99 -5.55
C ARG B 64 21.27 -5.64 -4.20
N ILE B 65 20.97 -6.44 -3.16
CA ILE B 65 21.50 -6.16 -1.83
C ILE B 65 23.02 -6.25 -1.85
N ILE B 66 23.55 -7.34 -2.43
CA ILE B 66 24.99 -7.53 -2.48
C ILE B 66 25.65 -6.41 -3.29
N SER B 67 25.03 -6.02 -4.40
CA SER B 67 25.57 -4.91 -5.16
C SER B 67 25.61 -3.65 -4.32
N SER B 68 24.54 -3.39 -3.56
CA SER B 68 24.54 -2.23 -2.67
C SER B 68 25.68 -2.31 -1.67
N ILE B 69 25.85 -3.46 -1.01
CA ILE B 69 26.92 -3.61 -0.04
C ILE B 69 28.27 -3.38 -0.70
N GLU B 70 28.43 -3.87 -1.94
CA GLU B 70 29.71 -3.71 -2.62
C GLU B 70 30.04 -2.24 -2.81
N GLN B 71 29.05 -1.43 -3.20
CA GLN B 71 29.30 -0.01 -3.39
C GLN B 71 29.77 0.63 -2.08
N LYS B 72 29.05 0.39 -0.97
CA LYS B 72 29.45 0.97 0.30
C LYS B 72 30.88 0.58 0.67
N GLU B 73 31.25 -0.68 0.43
CA GLU B 73 32.59 -1.11 0.80
C GLU B 73 33.63 -0.50 -0.14
N GLU B 74 33.30 -0.34 -1.41
CA GLU B 74 34.22 0.32 -2.33
C GLU B 74 34.50 1.76 -1.90
N ASN B 75 33.48 2.46 -1.41
CA ASN B 75 33.69 3.79 -0.85
C ASN B 75 34.57 3.73 0.39
N LYS B 76 34.32 2.75 1.27
CA LYS B 76 35.09 2.64 2.51
C LYS B 76 36.52 2.21 2.24
N GLY B 77 36.73 1.30 1.31
CA GLY B 77 38.07 0.83 1.01
C GLY B 77 38.42 -0.52 1.60
N GLY B 78 37.44 -1.35 1.93
CA GLY B 78 37.75 -2.66 2.48
C GLY B 78 38.09 -3.68 1.41
N GLU B 79 39.39 -3.87 1.19
CA GLU B 79 39.83 -4.71 0.08
C GLU B 79 39.42 -6.16 0.29
N ASP B 80 39.67 -6.69 1.50
CA ASP B 80 39.32 -8.07 1.79
C ASP B 80 37.82 -8.27 1.79
N LYS B 81 37.07 -7.35 2.39
CA LYS B 81 35.62 -7.44 2.33
C LYS B 81 35.14 -7.41 0.89
N LEU B 82 35.76 -6.58 0.04
CA LEU B 82 35.30 -6.51 -1.34
C LEU B 82 35.55 -7.81 -2.09
N LYS B 83 36.67 -8.49 -1.82
CA LYS B 83 36.93 -9.76 -2.50
C LYS B 83 35.84 -10.79 -2.18
N MET B 84 35.46 -10.89 -0.91
CA MET B 84 34.37 -11.81 -0.55
C MET B 84 33.04 -11.36 -1.15
N ILE B 85 32.75 -10.06 -1.06
CA ILE B 85 31.49 -9.56 -1.62
C ILE B 85 31.40 -9.89 -3.10
N ARG B 86 32.47 -9.59 -3.84
CA ARG B 86 32.48 -9.86 -5.27
C ARG B 86 32.30 -11.36 -5.55
N GLU B 87 33.01 -12.21 -4.82
CA GLU B 87 32.82 -13.64 -5.03
C GLU B 87 31.36 -14.01 -4.80
N TYR B 88 30.74 -13.43 -3.78
CA TYR B 88 29.34 -13.73 -3.52
C TYR B 88 28.47 -13.26 -4.68
N ARG B 89 28.69 -12.03 -5.16
CA ARG B 89 27.91 -11.55 -6.30
C ARG B 89 28.08 -12.47 -7.51
N GLN B 90 29.31 -12.88 -7.81
CA GLN B 90 29.52 -13.72 -8.97
C GLN B 90 28.78 -15.04 -8.83
N MET B 91 28.74 -15.59 -7.62
CA MET B 91 27.98 -16.82 -7.43
C MET B 91 26.49 -16.60 -7.69
N VAL B 92 25.94 -15.52 -7.15
CA VAL B 92 24.52 -15.24 -7.39
C VAL B 92 24.27 -14.95 -8.87
N GLU B 93 25.19 -14.26 -9.52
CA GLU B 93 25.02 -14.00 -10.95
C GLU B 93 25.03 -15.30 -11.75
N THR B 94 25.83 -16.28 -11.33
CA THR B 94 25.81 -17.57 -11.99
C THR B 94 24.45 -18.23 -11.85
N GLU B 95 23.89 -18.21 -10.63
CA GLU B 95 22.56 -18.75 -10.44
C GLU B 95 21.55 -18.04 -11.35
N LEU B 96 21.65 -16.72 -11.44
CA LEU B 96 20.74 -15.96 -12.28
C LEU B 96 20.83 -16.41 -13.74
N LYS B 97 22.05 -16.54 -14.27
CA LYS B 97 22.16 -16.97 -15.65
C LYS B 97 21.52 -18.33 -15.83
N LEU B 98 21.76 -19.26 -14.89
CA LEU B 98 21.22 -20.61 -15.05
C LEU B 98 19.70 -20.63 -15.06
N ILE B 99 19.06 -19.89 -14.15
CA ILE B 99 17.59 -19.85 -14.11
C ILE B 99 17.04 -19.29 -15.41
N CYS B 100 17.58 -18.16 -15.84
CA CYS B 100 17.12 -17.51 -17.06
C CYS B 100 17.28 -18.43 -18.27
N CYS B 101 18.47 -19.01 -18.45
CA CYS B 101 18.66 -19.82 -19.64
C CYS B 101 17.72 -21.03 -19.64
N ASP B 102 17.40 -21.54 -18.47
CA ASP B 102 16.48 -22.67 -18.35
C ASP B 102 15.10 -22.30 -18.92
N ILE B 103 14.51 -21.22 -18.42
CA ILE B 103 13.19 -20.83 -18.90
C ILE B 103 13.26 -20.36 -20.35
N LEU B 104 14.32 -19.63 -20.72
CA LEU B 104 14.43 -19.18 -22.11
C LEU B 104 14.53 -20.37 -23.04
N ASP B 105 15.25 -21.42 -22.60
CA ASP B 105 15.33 -22.62 -23.41
C ASP B 105 13.98 -23.30 -23.52
N VAL B 106 13.28 -23.44 -22.40
CA VAL B 106 11.95 -24.03 -22.43
C VAL B 106 11.04 -23.26 -23.38
N LEU B 107 11.06 -21.94 -23.29
CA LEU B 107 10.21 -21.12 -24.17
C LEU B 107 10.52 -21.39 -25.64
N ASP B 108 11.80 -21.41 -26.00
CA ASP B 108 12.13 -21.56 -27.41
C ASP B 108 12.01 -23.01 -27.88
N LYS B 109 12.33 -23.98 -27.05
CA LYS B 109 12.24 -25.37 -27.51
C LYS B 109 10.85 -25.98 -27.36
N HIS B 110 9.99 -25.46 -26.47
CA HIS B 110 8.68 -26.09 -26.33
C HIS B 110 7.49 -25.14 -26.39
N LEU B 111 7.46 -24.14 -25.52
CA LEU B 111 6.24 -23.36 -25.35
C LEU B 111 5.85 -22.64 -26.64
N ILE B 112 6.74 -21.80 -27.17
CA ILE B 112 6.40 -21.02 -28.35
C ILE B 112 6.08 -21.90 -29.55
N PRO B 113 6.90 -22.91 -29.89
CA PRO B 113 6.54 -23.75 -31.05
C PRO B 113 5.19 -24.44 -30.92
N ALA B 114 4.75 -24.74 -29.69
CA ALA B 114 3.46 -25.37 -29.48
C ALA B 114 2.34 -24.40 -29.21
N ALA B 115 2.65 -23.11 -29.05
CA ALA B 115 1.63 -22.12 -28.70
C ALA B 115 0.52 -22.11 -29.76
N ASN B 116 -0.72 -22.00 -29.29
CA ASN B 116 -1.91 -22.21 -30.11
C ASN B 116 -2.81 -21.01 -30.24
N THR B 117 -2.70 -20.02 -29.37
CA THR B 117 -3.57 -18.85 -29.39
C THR B 117 -2.75 -17.59 -29.38
N GLY B 118 -3.42 -16.49 -29.70
CA GLY B 118 -2.76 -15.20 -29.70
C GLY B 118 -2.30 -14.77 -28.31
N GLU B 119 -3.19 -14.85 -27.32
CA GLU B 119 -2.78 -14.45 -25.97
C GLU B 119 -1.61 -15.32 -25.49
N SER B 120 -1.65 -16.62 -25.76
CA SER B 120 -0.56 -17.46 -25.30
C SER B 120 0.75 -17.09 -26.00
N LYS B 121 0.70 -16.75 -27.29
CA LYS B 121 1.91 -16.31 -27.99
C LYS B 121 2.44 -15.04 -27.35
N VAL B 122 1.56 -14.05 -27.15
CA VAL B 122 1.94 -12.83 -26.45
C VAL B 122 2.53 -13.17 -25.09
N PHE B 123 1.87 -14.07 -24.36
CA PHE B 123 2.35 -14.45 -23.04
C PHE B 123 3.77 -14.98 -23.11
N TYR B 124 4.03 -15.92 -24.02
CA TYR B 124 5.35 -16.53 -24.06
C TYR B 124 6.42 -15.56 -24.54
N TYR B 125 6.10 -14.75 -25.55
CA TYR B 125 7.08 -13.77 -26.01
C TYR B 125 7.35 -12.70 -24.96
N LYS B 126 6.35 -12.34 -24.16
CA LYS B 126 6.61 -11.43 -23.06
C LYS B 126 7.54 -12.07 -22.03
N MET B 127 7.35 -13.36 -21.73
CA MET B 127 8.28 -14.04 -20.82
C MET B 127 9.69 -14.01 -21.38
N LYS B 128 9.84 -14.34 -22.66
CA LYS B 128 11.14 -14.23 -23.30
C LYS B 128 11.70 -12.83 -23.08
N GLY B 129 10.90 -11.80 -23.33
CA GLY B 129 11.36 -10.44 -23.10
C GLY B 129 11.81 -10.21 -21.67
N ASP B 130 10.99 -10.66 -20.71
CA ASP B 130 11.32 -10.47 -19.30
C ASP B 130 12.65 -11.12 -18.95
N TYR B 131 12.82 -12.39 -19.34
CA TYR B 131 13.98 -13.10 -18.82
C TYR B 131 15.27 -12.69 -19.53
N HIS B 132 15.18 -12.24 -20.80
CA HIS B 132 16.36 -11.59 -21.36
C HIS B 132 16.65 -10.26 -20.69
N ARG B 133 15.60 -9.57 -20.24
CA ARG B 133 15.82 -8.32 -19.51
C ARG B 133 16.51 -8.60 -18.19
N TYR B 134 16.13 -9.68 -17.50
CA TYR B 134 16.78 -10.03 -16.25
C TYR B 134 18.26 -10.36 -16.47
N LEU B 135 18.58 -11.01 -17.59
CA LEU B 135 19.99 -11.21 -17.95
C LEU B 135 20.72 -9.88 -18.07
N ALA B 136 20.11 -8.92 -18.79
CA ALA B 136 20.72 -7.62 -19.00
C ALA B 136 20.90 -6.83 -17.71
N GLU B 137 20.13 -7.12 -16.67
CA GLU B 137 20.23 -6.32 -15.45
C GLU B 137 21.62 -6.42 -14.84
N PHE B 138 22.25 -7.58 -14.92
CA PHE B 138 23.59 -7.73 -14.36
C PHE B 138 24.68 -8.03 -15.38
N ALA B 139 24.34 -8.22 -16.65
CA ALA B 139 25.38 -8.48 -17.65
C ALA B 139 26.20 -7.21 -17.91
N THR B 140 27.32 -7.40 -18.60
CA THR B 140 28.18 -6.29 -18.95
C THR B 140 28.79 -6.56 -20.32
N GLY B 141 29.09 -5.47 -21.03
CA GLY B 141 29.76 -5.57 -22.32
C GLY B 141 28.90 -6.18 -23.42
N ASN B 142 29.48 -7.16 -24.11
CA ASN B 142 28.78 -7.84 -25.21
C ASN B 142 27.58 -8.64 -24.70
N ASP B 143 27.78 -9.40 -23.63
CA ASP B 143 26.66 -10.15 -23.08
C ASP B 143 25.49 -9.22 -22.82
N ARG B 144 25.77 -7.99 -22.40
CA ARG B 144 24.70 -7.04 -22.12
C ARG B 144 23.98 -6.63 -23.39
N LYS B 145 24.73 -6.30 -24.44
CA LYS B 145 24.12 -5.88 -25.69
C LYS B 145 23.26 -6.99 -26.28
N GLU B 146 23.76 -8.22 -26.25
CA GLU B 146 22.96 -9.31 -26.79
C GLU B 146 21.68 -9.51 -25.97
N ALA B 147 21.78 -9.51 -24.64
CA ALA B 147 20.60 -9.69 -23.80
C ALA B 147 19.58 -8.59 -24.07
N ALA B 148 20.03 -7.34 -24.12
CA ALA B 148 19.14 -6.23 -24.42
C ALA B 148 18.50 -6.37 -25.81
N GLU B 149 19.29 -6.71 -26.82
CA GLU B 149 18.71 -6.89 -28.15
C GLU B 149 17.69 -8.01 -28.16
N ASN B 150 18.02 -9.14 -27.54
CA ASN B 150 17.11 -10.27 -27.47
C ASN B 150 15.83 -9.92 -26.75
N SER B 151 15.97 -9.23 -25.62
CA SER B 151 14.80 -8.76 -24.91
C SER B 151 13.94 -7.87 -25.82
N LEU B 152 14.58 -6.94 -26.54
CA LEU B 152 13.83 -6.03 -27.40
C LEU B 152 13.07 -6.77 -28.47
N VAL B 153 13.72 -7.75 -29.11
CA VAL B 153 13.07 -8.49 -30.19
C VAL B 153 11.86 -9.25 -29.66
N ALA B 154 11.99 -9.87 -28.49
CA ALA B 154 10.86 -10.62 -27.91
C ALA B 154 9.71 -9.68 -27.57
N TYR B 155 10.01 -8.55 -26.93
CA TYR B 155 8.96 -7.60 -26.56
C TYR B 155 8.26 -7.04 -27.80
N LYS B 156 9.02 -6.73 -28.85
CA LYS B 156 8.40 -6.21 -30.07
C LYS B 156 7.52 -7.27 -30.71
N ALA B 157 7.97 -8.52 -30.71
CA ALA B 157 7.16 -9.61 -31.26
C ALA B 157 5.83 -9.71 -30.51
N ALA B 158 5.89 -9.77 -29.17
CA ALA B 158 4.67 -9.78 -28.37
C ALA B 158 3.78 -8.60 -28.71
N SER B 159 4.35 -7.40 -28.80
CA SER B 159 3.53 -6.24 -29.09
C SER B 159 2.86 -6.37 -30.44
N ASP B 160 3.60 -6.88 -31.43
CA ASP B 160 3.05 -6.98 -32.77
C ASP B 160 1.90 -7.98 -32.80
N ILE B 161 2.03 -9.09 -32.08
CA ILE B 161 0.92 -10.04 -32.02
C ILE B 161 -0.23 -9.44 -31.21
N ALA B 162 0.09 -8.72 -30.13
CA ALA B 162 -0.95 -8.20 -29.25
C ALA B 162 -1.79 -7.14 -29.96
N MET B 163 -1.14 -6.18 -30.63
CA MET B 163 -1.85 -5.13 -31.34
C MET B 163 -2.87 -5.65 -32.33
N THR B 164 -2.85 -6.95 -32.65
CA THR B 164 -3.78 -7.53 -33.59
C THR B 164 -4.62 -8.67 -33.01
N GLU B 165 -4.27 -9.19 -31.82
CA GLU B 165 -4.95 -10.33 -31.24
C GLU B 165 -5.67 -10.01 -29.94
N LEU B 166 -5.28 -8.94 -29.24
CA LEU B 166 -5.87 -8.62 -27.95
C LEU B 166 -6.40 -7.19 -27.94
N PRO B 167 -7.53 -6.94 -27.29
CA PRO B 167 -8.01 -5.57 -27.16
C PRO B 167 -7.07 -4.77 -26.28
N PRO B 168 -6.99 -3.45 -26.46
CA PRO B 168 -6.00 -2.67 -25.70
C PRO B 168 -6.22 -2.71 -24.20
N THR B 169 -7.39 -3.16 -23.74
CA THR B 169 -7.70 -3.31 -22.32
C THR B 169 -7.40 -4.69 -21.78
N HIS B 170 -6.90 -5.59 -22.61
CA HIS B 170 -6.65 -6.95 -22.17
C HIS B 170 -5.50 -6.96 -21.18
N PRO B 171 -5.64 -7.64 -20.05
CA PRO B 171 -4.57 -7.60 -19.04
C PRO B 171 -3.21 -8.08 -19.55
N ILE B 172 -3.17 -9.07 -20.43
CA ILE B 172 -1.86 -9.54 -20.90
C ILE B 172 -1.22 -8.48 -21.78
N ARG B 173 -2.01 -7.83 -22.63
CA ARG B 173 -1.46 -6.74 -23.42
C ARG B 173 -0.95 -5.62 -22.52
N LEU B 174 -1.73 -5.24 -21.51
CA LEU B 174 -1.31 -4.17 -20.61
C LEU B 174 -0.03 -4.55 -19.87
N GLY B 175 0.00 -5.76 -19.30
CA GLY B 175 1.20 -6.20 -18.60
C GLY B 175 2.40 -6.26 -19.51
N LEU B 176 2.18 -6.60 -20.78
CA LEU B 176 3.27 -6.51 -21.76
C LEU B 176 3.75 -5.07 -21.91
N ALA B 177 2.81 -4.12 -22.05
CA ALA B 177 3.23 -2.72 -22.17
C ALA B 177 3.98 -2.27 -20.93
N LEU B 178 3.52 -2.67 -19.74
CA LEU B 178 4.21 -2.29 -18.52
C LEU B 178 5.65 -2.78 -18.51
N ASN B 179 5.86 -4.07 -18.75
CA ASN B 179 7.20 -4.63 -18.66
C ASN B 179 8.08 -4.11 -19.78
N PHE B 180 7.50 -3.94 -20.97
CA PHE B 180 8.25 -3.38 -22.08
C PHE B 180 8.65 -1.94 -21.80
N SER B 181 7.73 -1.13 -21.25
CA SER B 181 8.10 0.25 -20.93
C SER B 181 9.22 0.26 -19.88
N VAL B 182 9.13 -0.62 -18.89
CA VAL B 182 10.20 -0.74 -17.89
C VAL B 182 11.53 -1.06 -18.55
N PHE B 183 11.50 -1.94 -19.56
CA PHE B 183 12.72 -2.27 -20.30
C PHE B 183 13.31 -1.04 -20.99
N TYR B 184 12.48 -0.27 -21.68
CA TYR B 184 12.99 0.91 -22.38
C TYR B 184 13.69 1.85 -21.41
N TYR B 185 13.11 2.04 -20.22
CA TYR B 185 13.66 2.98 -19.27
C TYR B 185 14.89 2.39 -18.58
N GLU B 186 14.77 1.15 -18.13
CA GLU B 186 15.74 0.56 -17.23
C GLU B 186 16.89 -0.11 -17.96
N ILE B 187 16.66 -0.68 -19.13
CA ILE B 187 17.71 -1.35 -19.87
C ILE B 187 18.29 -0.47 -20.97
N LEU B 188 17.42 0.10 -21.81
CA LEU B 188 17.88 0.94 -22.92
C LEU B 188 18.18 2.38 -22.51
N ASN B 189 17.81 2.78 -21.30
CA ASN B 189 18.04 4.15 -20.86
C ASN B 189 17.31 5.14 -21.76
N SER B 190 16.12 4.76 -22.22
CA SER B 190 15.29 5.63 -23.04
C SER B 190 14.03 6.08 -22.29
N PRO B 191 14.12 7.14 -21.49
CA PRO B 191 12.90 7.63 -20.82
C PRO B 191 11.85 8.12 -21.80
N ASP B 192 12.27 8.74 -22.89
CA ASP B 192 11.33 9.24 -23.88
C ASP B 192 10.45 8.11 -24.40
N ARG B 193 11.08 7.08 -24.95
CA ARG B 193 10.32 5.96 -25.50
C ARG B 193 9.50 5.26 -24.41
N ALA B 194 10.09 5.06 -23.24
CA ALA B 194 9.38 4.40 -22.15
C ALA B 194 8.07 5.11 -21.84
N CYS B 195 8.11 6.43 -21.66
CA CYS B 195 6.89 7.16 -21.37
C CYS B 195 5.92 7.10 -22.53
N ARG B 196 6.42 7.18 -23.77
CA ARG B 196 5.53 7.17 -24.92
C ARG B 196 4.74 5.86 -24.99
N LEU B 197 5.41 4.74 -24.69
CA LEU B 197 4.74 3.45 -24.66
C LEU B 197 3.73 3.38 -23.53
N ALA B 198 4.18 3.69 -22.31
CA ALA B 198 3.29 3.61 -21.16
C ALA B 198 2.02 4.42 -21.40
N LYS B 199 2.18 5.69 -21.80
CA LYS B 199 1.03 6.56 -22.05
C LYS B 199 0.18 6.01 -23.19
N ALA B 200 0.83 5.49 -24.24
CA ALA B 200 0.08 4.92 -25.35
C ALA B 200 -0.79 3.77 -24.87
N ALA B 201 -0.21 2.83 -24.10
CA ALA B 201 -0.96 1.71 -23.54
C ALA B 201 -2.09 2.19 -22.65
N PHE B 202 -1.81 3.18 -21.79
CA PHE B 202 -2.85 3.75 -20.93
C PHE B 202 -3.98 4.36 -21.76
N ASP B 203 -3.64 5.11 -22.80
CA ASP B 203 -4.67 5.78 -23.59
C ASP B 203 -5.52 4.76 -24.36
N ASP B 204 -4.87 3.78 -25.00
CA ASP B 204 -5.65 2.79 -25.75
C ASP B 204 -6.59 2.03 -24.84
N ALA B 205 -6.17 1.77 -23.60
CA ALA B 205 -7.04 1.08 -22.67
C ALA B 205 -8.20 1.99 -22.27
N ILE B 206 -7.91 3.25 -21.95
CA ILE B 206 -8.97 4.15 -21.50
C ILE B 206 -9.99 4.37 -22.59
N ALA B 207 -9.55 4.38 -23.86
CA ALA B 207 -10.48 4.60 -24.96
C ALA B 207 -11.52 3.49 -25.06
N GLU B 208 -11.10 2.25 -24.77
CA GLU B 208 -12.00 1.11 -24.84
C GLU B 208 -12.32 0.57 -23.45
N LEU B 209 -12.27 1.44 -22.43
CA LEU B 209 -12.50 0.96 -21.06
C LEU B 209 -13.84 0.25 -20.92
N ASP B 210 -14.80 0.56 -21.79
CA ASP B 210 -16.09 -0.13 -21.82
C ASP B 210 -15.93 -1.60 -22.23
N THR B 211 -14.79 -1.95 -22.83
CA THR B 211 -14.57 -3.32 -23.26
C THR B 211 -14.09 -4.19 -22.11
N LEU B 212 -13.64 -3.56 -21.03
CA LEU B 212 -13.17 -4.32 -19.87
C LEU B 212 -14.27 -5.17 -19.29
N SER B 213 -13.91 -6.39 -18.90
CA SER B 213 -14.80 -7.28 -18.18
C SER B 213 -14.73 -6.94 -16.70
N GLU B 214 -15.83 -7.19 -15.99
CA GLU B 214 -15.79 -7.03 -14.53
C GLU B 214 -14.58 -7.73 -13.95
N GLU B 215 -14.30 -8.95 -14.42
CA GLU B 215 -13.18 -9.71 -13.90
C GLU B 215 -11.84 -9.13 -14.36
N SER B 216 -11.75 -8.73 -15.63
CA SER B 216 -10.50 -8.15 -16.11
C SER B 216 -10.29 -6.74 -15.58
N TYR B 217 -11.34 -6.08 -15.11
CA TYR B 217 -11.21 -4.71 -14.62
C TYR B 217 -10.24 -4.65 -13.45
N LYS B 218 -10.36 -5.57 -12.50
CA LYS B 218 -9.43 -5.54 -11.37
C LYS B 218 -7.98 -5.62 -11.85
N ASP B 219 -7.66 -6.66 -12.63
CA ASP B 219 -6.29 -6.83 -13.09
C ASP B 219 -5.87 -5.69 -14.01
N SER B 220 -6.72 -5.32 -14.96
CA SER B 220 -6.34 -4.29 -15.91
C SER B 220 -6.16 -2.93 -15.23
N THR B 221 -7.10 -2.53 -14.39
CA THR B 221 -6.98 -1.22 -13.74
C THR B 221 -5.75 -1.17 -12.84
N LEU B 222 -5.45 -2.26 -12.13
CA LEU B 222 -4.24 -2.26 -11.33
C LEU B 222 -3.01 -2.11 -12.22
N ILE B 223 -3.01 -2.74 -13.39
CA ILE B 223 -1.87 -2.63 -14.30
C ILE B 223 -1.78 -1.22 -14.87
N MET B 224 -2.91 -0.67 -15.31
CA MET B 224 -2.86 0.64 -15.95
C MET B 224 -2.35 1.70 -14.98
N GLN B 225 -2.69 1.56 -13.69
CA GLN B 225 -2.20 2.54 -12.74
C GLN B 225 -0.73 2.32 -12.41
N LEU B 226 -0.24 1.07 -12.51
CA LEU B 226 1.21 0.87 -12.46
C LEU B 226 1.89 1.61 -13.61
N LEU B 227 1.27 1.60 -14.80
CA LEU B 227 1.76 2.42 -15.90
C LEU B 227 1.74 3.90 -15.52
N ARG B 228 0.64 4.35 -14.91
CA ARG B 228 0.54 5.75 -14.48
C ARG B 228 1.60 6.05 -13.43
N ASP B 229 1.80 5.13 -12.48
CA ASP B 229 2.82 5.32 -11.46
C ASP B 229 4.19 5.44 -12.11
N ASN B 230 4.51 4.52 -13.01
CA ASN B 230 5.77 4.61 -13.74
C ASN B 230 5.88 5.94 -14.46
N LEU B 231 4.80 6.35 -15.13
CA LEU B 231 4.82 7.61 -15.88
C LEU B 231 5.16 8.78 -14.97
N THR B 232 4.45 8.89 -13.85
CA THR B 232 4.72 9.98 -12.90
C THR B 232 6.17 9.98 -12.47
N LEU B 233 6.70 8.81 -12.10
CA LEU B 233 8.07 8.71 -11.61
C LEU B 233 9.08 9.08 -12.69
N TRP B 234 8.88 8.55 -13.90
CA TRP B 234 9.80 8.81 -14.99
C TRP B 234 9.77 10.28 -15.42
N THR B 235 8.58 10.88 -15.43
CA THR B 235 8.51 12.30 -15.75
C THR B 235 9.15 13.14 -14.65
N SER B 236 9.07 12.67 -13.39
CA SER B 236 9.79 13.33 -12.31
C SER B 236 11.28 13.47 -12.63
N ASP B 237 11.79 12.66 -13.54
CA ASP B 237 13.21 12.70 -13.92
C ASP B 237 13.39 13.09 -15.39
N SER C 2 13.76 -3.35 12.82
CA SER C 2 13.47 -3.70 11.43
C SER C 2 11.97 -3.88 11.21
N THR C 3 11.35 -4.72 12.02
CA THR C 3 9.90 -4.89 11.93
C THR C 3 9.18 -3.79 12.68
N MET C 4 9.48 -3.63 13.97
CA MET C 4 8.82 -2.60 14.77
C MET C 4 9.17 -1.21 14.25
N ASP C 5 10.41 -1.01 13.80
CA ASP C 5 10.78 0.26 13.18
C ASP C 5 10.02 0.47 11.88
N ASP C 6 10.04 -0.53 11.00
CA ASP C 6 9.24 -0.45 9.78
C ASP C 6 7.79 -0.09 10.10
N ARG C 7 7.24 -0.69 11.16
CA ARG C 7 5.87 -0.41 11.55
C ARG C 7 5.71 1.06 11.96
N GLU C 8 6.60 1.55 12.82
CA GLU C 8 6.52 2.95 13.25
C GLU C 8 6.63 3.89 12.05
N ASP C 9 7.50 3.57 11.10
CA ASP C 9 7.61 4.40 9.90
C ASP C 9 6.30 4.40 9.10
N LEU C 10 5.69 3.23 8.93
CA LEU C 10 4.44 3.18 8.20
C LEU C 10 3.36 4.01 8.89
N VAL C 11 3.30 3.95 10.22
CA VAL C 11 2.26 4.69 10.95
C VAL C 11 2.50 6.19 10.82
N TYR C 12 3.75 6.63 10.90
CA TYR C 12 4.03 8.05 10.69
C TYR C 12 3.70 8.47 9.27
N GLN C 13 4.03 7.61 8.29
CA GLN C 13 3.65 7.90 6.92
C GLN C 13 2.14 8.07 6.79
N ALA C 14 1.36 7.22 7.43
CA ALA C 14 -0.08 7.37 7.40
C ALA C 14 -0.51 8.69 8.04
N LYS C 15 0.13 9.07 9.15
CA LYS C 15 -0.25 10.31 9.81
C LYS C 15 0.04 11.53 8.95
N LEU C 16 1.13 11.49 8.17
CA LEU C 16 1.41 12.56 7.22
C LEU C 16 0.39 12.56 6.08
N ALA C 17 0.12 11.39 5.50
CA ALA C 17 -0.84 11.31 4.40
C ALA C 17 -2.20 11.82 4.84
N GLU C 18 -2.60 11.51 6.07
CA GLU C 18 -3.85 12.02 6.60
C GLU C 18 -3.79 13.54 6.73
N GLN C 19 -2.69 14.05 7.27
CA GLN C 19 -2.48 15.49 7.34
C GLN C 19 -2.61 16.12 5.96
N ALA C 20 -1.98 15.51 4.97
CA ALA C 20 -2.05 16.02 3.61
C ALA C 20 -3.36 15.71 2.91
N GLU C 21 -4.22 14.88 3.51
CA GLU C 21 -5.46 14.43 2.88
C GLU C 21 -5.19 13.62 1.62
N ARG C 22 -4.08 12.89 1.61
CA ARG C 22 -3.75 11.96 0.53
C ARG C 22 -4.06 10.57 1.07
N TYR C 23 -5.33 10.19 0.93
CA TYR C 23 -5.85 9.02 1.64
C TYR C 23 -5.53 7.72 0.96
N ASP C 24 -5.34 7.71 -0.35
CA ASP C 24 -4.92 6.49 -1.02
C ASP C 24 -3.59 6.00 -0.49
N GLU C 25 -2.63 6.92 -0.30
CA GLU C 25 -1.36 6.54 0.27
C GLU C 25 -1.53 6.16 1.73
N MET C 26 -2.38 6.90 2.44
CA MET C 26 -2.71 6.53 3.82
C MET C 26 -3.24 5.10 3.89
N VAL C 27 -4.08 4.72 2.93
CA VAL C 27 -4.59 3.34 2.87
C VAL C 27 -3.45 2.37 2.60
N GLU C 28 -2.61 2.68 1.60
CA GLU C 28 -1.51 1.77 1.31
C GLU C 28 -0.66 1.54 2.55
N SER C 29 -0.33 2.62 3.27
CA SER C 29 0.50 2.52 4.47
C SER C 29 -0.18 1.69 5.54
N MET C 30 -1.44 2.02 5.86
CA MET C 30 -2.15 1.33 6.93
C MET C 30 -2.40 -0.14 6.58
N LYS C 31 -2.53 -0.45 5.28
CA LYS C 31 -2.72 -1.84 4.86
C LYS C 31 -1.48 -2.69 5.12
N LYS C 32 -0.29 -2.16 4.83
CA LYS C 32 0.93 -2.89 5.16
C LYS C 32 1.02 -3.16 6.66
N VAL C 33 0.60 -2.18 7.48
CA VAL C 33 0.59 -2.39 8.93
C VAL C 33 -0.39 -3.48 9.32
N ALA C 34 -1.64 -3.39 8.83
CA ALA C 34 -2.64 -4.41 9.13
C ALA C 34 -2.20 -5.79 8.65
N GLY C 35 -1.42 -5.85 7.56
CA GLY C 35 -0.95 -7.15 7.13
C GLY C 35 0.05 -7.78 8.07
N MET C 36 0.54 -7.02 9.04
CA MET C 36 1.52 -7.57 9.97
C MET C 36 0.92 -8.60 10.90
N ASP C 37 -0.40 -8.78 10.88
CA ASP C 37 -1.08 -9.81 11.65
C ASP C 37 -0.85 -9.62 13.15
N VAL C 38 -0.98 -8.38 13.61
CA VAL C 38 -0.73 -8.01 15.00
C VAL C 38 -1.94 -7.23 15.49
N GLU C 39 -1.99 -7.07 16.81
CA GLU C 39 -3.00 -6.18 17.39
C GLU C 39 -2.60 -4.75 17.12
N LEU C 40 -3.44 -4.01 16.41
CA LEU C 40 -3.19 -2.61 16.13
C LEU C 40 -3.47 -1.75 17.36
N THR C 41 -2.68 -0.68 17.52
CA THR C 41 -2.98 0.30 18.55
C THR C 41 -4.28 1.03 18.21
N VAL C 42 -4.83 1.70 19.23
CA VAL C 42 -6.03 2.50 19.00
C VAL C 42 -5.79 3.51 17.89
N GLU C 43 -4.62 4.17 17.93
CA GLU C 43 -4.29 5.12 16.86
C GLU C 43 -4.30 4.43 15.50
N GLU C 44 -3.66 3.27 15.40
CA GLU C 44 -3.55 2.58 14.12
C GLU C 44 -4.92 2.17 13.60
N ARG C 45 -5.83 1.76 14.48
CA ARG C 45 -7.18 1.46 14.02
C ARG C 45 -7.85 2.69 13.45
N ASN C 46 -7.75 3.84 14.15
CA ASN C 46 -8.33 5.08 13.63
C ASN C 46 -7.69 5.47 12.31
N LEU C 47 -6.37 5.42 12.23
CA LEU C 47 -5.70 5.72 10.98
C LEU C 47 -6.26 4.87 9.86
N LEU C 48 -6.38 3.56 10.13
CA LEU C 48 -6.93 2.64 9.13
C LEU C 48 -8.35 3.02 8.77
N SER C 49 -9.19 3.25 9.76
CA SER C 49 -10.59 3.60 9.49
C SER C 49 -10.69 4.91 8.73
N VAL C 50 -9.90 5.92 9.12
CA VAL C 50 -9.95 7.22 8.43
C VAL C 50 -9.59 7.04 6.97
N ALA C 51 -8.51 6.30 6.70
CA ALA C 51 -8.04 6.11 5.33
C ALA C 51 -9.14 5.55 4.44
N TYR C 52 -9.75 4.43 4.85
CA TYR C 52 -10.69 3.76 3.98
C TYR C 52 -11.97 4.56 3.81
N LYS C 53 -12.46 5.16 4.91
CA LYS C 53 -13.70 5.93 4.84
C LYS C 53 -13.58 7.09 3.86
N ASN C 54 -12.45 7.80 3.87
CA ASN C 54 -12.33 8.92 2.95
C ASN C 54 -12.27 8.43 1.52
N VAL C 55 -11.51 7.38 1.26
CA VAL C 55 -11.42 6.83 -0.09
C VAL C 55 -12.79 6.36 -0.57
N ILE C 56 -13.52 5.64 0.29
CA ILE C 56 -14.84 5.17 -0.12
C ILE C 56 -15.84 6.32 -0.14
N GLY C 57 -15.70 7.27 0.79
CA GLY C 57 -16.68 8.34 0.86
C GLY C 57 -16.71 9.17 -0.40
N ALA C 58 -15.53 9.39 -1.00
CA ALA C 58 -15.46 10.10 -2.27
C ALA C 58 -16.34 9.42 -3.31
N ARG C 59 -16.22 8.09 -3.45
CA ARG C 59 -17.01 7.36 -4.43
C ARG C 59 -18.48 7.38 -4.07
N ARG C 60 -18.79 7.23 -2.78
CA ARG C 60 -20.18 7.26 -2.35
C ARG C 60 -20.84 8.58 -2.71
N ALA C 61 -20.14 9.69 -2.49
CA ALA C 61 -20.68 10.99 -2.87
C ALA C 61 -20.82 11.09 -4.39
N SER C 62 -19.81 10.62 -5.12
CA SER C 62 -19.90 10.59 -6.58
C SER C 62 -21.09 9.73 -7.04
N TRP C 63 -21.27 8.56 -6.43
CA TRP C 63 -22.37 7.69 -6.84
C TRP C 63 -23.71 8.37 -6.61
N ARG C 64 -23.87 9.04 -5.48
CA ARG C 64 -25.15 9.68 -5.20
C ARG C 64 -25.47 10.77 -6.23
N ILE C 65 -24.49 11.62 -6.54
CA ILE C 65 -24.71 12.73 -7.47
C ILE C 65 -25.06 12.21 -8.86
N ILE C 66 -24.29 11.23 -9.35
CA ILE C 66 -24.56 10.66 -10.66
C ILE C 66 -25.95 10.03 -10.68
N SER C 67 -26.32 9.36 -9.60
CA SER C 67 -27.67 8.79 -9.51
C SER C 67 -28.73 9.89 -9.60
N SER C 68 -28.51 11.00 -8.91
CA SER C 68 -29.44 12.12 -8.99
C SER C 68 -29.56 12.61 -10.43
N ILE C 69 -28.43 12.80 -11.11
CA ILE C 69 -28.47 13.23 -12.50
C ILE C 69 -29.20 12.22 -13.36
N GLU C 70 -29.06 10.93 -13.05
CA GLU C 70 -29.65 9.89 -13.88
C GLU C 70 -31.17 10.03 -13.94
N GLN C 71 -31.82 10.22 -12.79
CA GLN C 71 -33.27 10.38 -12.82
C GLN C 71 -33.67 11.63 -13.59
N LYS C 72 -33.07 12.77 -13.26
CA LYS C 72 -33.45 14.01 -13.92
C LYS C 72 -33.41 13.84 -15.45
N GLU C 73 -32.40 13.13 -15.95
CA GLU C 73 -32.28 12.96 -17.40
C GLU C 73 -33.32 11.99 -17.96
N GLU C 74 -33.59 10.88 -17.25
CA GLU C 74 -34.62 9.97 -17.76
C GLU C 74 -35.99 10.63 -17.76
N ASN C 75 -36.27 11.50 -16.78
CA ASN C 75 -37.51 12.27 -16.84
C ASN C 75 -37.54 13.13 -18.09
N LYS C 76 -36.40 13.75 -18.44
CA LYS C 76 -36.36 14.60 -19.62
C LYS C 76 -36.49 13.78 -20.91
N GLY C 77 -35.82 12.64 -20.98
CA GLY C 77 -35.87 11.79 -22.15
C GLY C 77 -34.66 11.85 -23.07
N GLY C 78 -33.49 12.25 -22.56
CA GLY C 78 -32.27 12.33 -23.35
C GLY C 78 -31.55 11.01 -23.52
N GLU C 79 -31.69 10.38 -24.68
CA GLU C 79 -31.17 9.03 -24.85
C GLU C 79 -29.65 8.99 -24.72
N ASP C 80 -28.96 9.91 -25.41
CA ASP C 80 -27.51 9.90 -25.36
C ASP C 80 -26.98 10.28 -23.99
N LYS C 81 -27.53 11.34 -23.38
CA LYS C 81 -27.08 11.73 -22.05
C LYS C 81 -27.25 10.59 -21.05
N LEU C 82 -28.37 9.86 -21.13
CA LEU C 82 -28.59 8.79 -20.17
C LEU C 82 -27.55 7.68 -20.34
N LYS C 83 -27.18 7.38 -21.58
CA LYS C 83 -26.19 6.34 -21.81
C LYS C 83 -24.88 6.67 -21.12
N MET C 84 -24.40 7.91 -21.25
CA MET C 84 -23.16 8.30 -20.58
C MET C 84 -23.30 8.27 -19.06
N ILE C 85 -24.42 8.77 -18.54
CA ILE C 85 -24.64 8.74 -17.09
C ILE C 85 -24.58 7.32 -16.56
N ARG C 86 -25.21 6.38 -17.27
CA ARG C 86 -25.27 5.00 -16.80
C ARG C 86 -23.88 4.36 -16.76
N GLU C 87 -23.09 4.57 -17.81
CA GLU C 87 -21.72 4.04 -17.80
C GLU C 87 -20.91 4.64 -16.66
N TYR C 88 -21.06 5.96 -16.44
CA TYR C 88 -20.31 6.59 -15.37
C TYR C 88 -20.71 5.98 -14.02
N ARG C 89 -22.00 5.87 -13.74
CA ARG C 89 -22.42 5.26 -12.49
C ARG C 89 -21.83 3.86 -12.34
N GLN C 90 -21.83 3.07 -13.42
CA GLN C 90 -21.31 1.71 -13.33
C GLN C 90 -19.81 1.71 -13.01
N MET C 91 -19.07 2.68 -13.56
CA MET C 91 -17.64 2.75 -13.24
C MET C 91 -17.43 3.02 -11.76
N VAL C 92 -18.19 3.97 -11.20
CA VAL C 92 -18.09 4.27 -9.76
C VAL C 92 -18.51 3.06 -8.95
N GLU C 93 -19.54 2.34 -9.39
CA GLU C 93 -19.99 1.15 -8.68
C GLU C 93 -18.91 0.08 -8.67
N THR C 94 -18.14 -0.01 -9.76
CA THR C 94 -17.01 -0.94 -9.78
C THR C 94 -15.93 -0.53 -8.79
N GLU C 95 -15.61 0.77 -8.73
CA GLU C 95 -14.66 1.26 -7.73
C GLU C 95 -15.15 1.00 -6.30
N LEU C 96 -16.44 1.26 -6.05
CA LEU C 96 -16.99 0.98 -4.72
C LEU C 96 -16.81 -0.49 -4.36
N LYS C 97 -17.15 -1.39 -5.28
CA LYS C 97 -16.98 -2.82 -5.02
C LYS C 97 -15.53 -3.14 -4.70
N LEU C 98 -14.58 -2.59 -5.47
CA LEU C 98 -13.17 -2.90 -5.25
C LEU C 98 -12.71 -2.42 -3.87
N ILE C 99 -13.09 -1.21 -3.48
CA ILE C 99 -12.69 -0.70 -2.17
C ILE C 99 -13.30 -1.55 -1.06
N CYS C 100 -14.60 -1.84 -1.15
CA CYS C 100 -15.26 -2.65 -0.13
C CYS C 100 -14.63 -4.03 -0.04
N CYS C 101 -14.40 -4.68 -1.18
CA CYS C 101 -13.79 -6.00 -1.12
C CYS C 101 -12.41 -5.93 -0.51
N ASP C 102 -11.66 -4.85 -0.80
CA ASP C 102 -10.31 -4.74 -0.27
C ASP C 102 -10.29 -4.74 1.26
N ILE C 103 -11.05 -3.83 1.88
CA ILE C 103 -11.06 -3.71 3.32
C ILE C 103 -11.70 -4.94 3.96
N LEU C 104 -12.76 -5.46 3.35
CA LEU C 104 -13.40 -6.65 3.90
C LEU C 104 -12.43 -7.82 3.93
N ASP C 105 -11.58 -7.92 2.90
CA ASP C 105 -10.58 -8.97 2.89
C ASP C 105 -9.54 -8.75 3.99
N VAL C 106 -9.06 -7.52 4.15
CA VAL C 106 -8.11 -7.22 5.21
C VAL C 106 -8.70 -7.60 6.57
N LEU C 107 -9.95 -7.19 6.81
CA LEU C 107 -10.60 -7.51 8.09
C LEU C 107 -10.66 -9.01 8.30
N ASP C 108 -11.03 -9.76 7.27
CA ASP C 108 -11.24 -11.18 7.42
C ASP C 108 -9.92 -11.95 7.48
N LYS C 109 -8.95 -11.58 6.63
CA LYS C 109 -7.72 -12.36 6.59
C LYS C 109 -6.72 -11.92 7.66
N HIS C 110 -6.69 -10.64 8.02
CA HIS C 110 -5.64 -10.15 8.91
C HIS C 110 -6.19 -9.58 10.21
N LEU C 111 -7.02 -8.54 10.14
CA LEU C 111 -7.39 -7.78 11.34
C LEU C 111 -8.14 -8.65 12.34
N ILE C 112 -9.26 -9.23 11.92
CA ILE C 112 -10.09 -10.00 12.85
C ILE C 112 -9.36 -11.20 13.42
N PRO C 113 -8.66 -12.01 12.63
CA PRO C 113 -7.95 -13.15 13.22
C PRO C 113 -6.90 -12.75 14.24
N ALA C 114 -6.28 -11.58 14.10
CA ALA C 114 -5.24 -11.20 15.04
C ALA C 114 -5.77 -10.39 16.22
N ALA C 115 -7.04 -9.99 16.19
CA ALA C 115 -7.59 -9.18 17.27
C ALA C 115 -7.53 -9.94 18.60
N ASN C 116 -7.14 -9.22 19.64
CA ASN C 116 -7.00 -9.81 20.98
C ASN C 116 -7.77 -9.08 22.07
N THR C 117 -8.40 -7.94 21.77
CA THR C 117 -9.18 -7.21 22.77
C THR C 117 -10.62 -7.01 22.29
N GLY C 118 -11.50 -6.75 23.25
CA GLY C 118 -12.89 -6.49 22.90
C GLY C 118 -13.03 -5.24 22.06
N GLU C 119 -12.31 -4.19 22.43
CA GLU C 119 -12.37 -2.96 21.64
C GLU C 119 -12.05 -3.24 20.18
N SER C 120 -11.03 -4.06 19.93
CA SER C 120 -10.64 -4.36 18.55
C SER C 120 -11.69 -5.20 17.83
N LYS C 121 -12.27 -6.21 18.50
CA LYS C 121 -13.28 -7.03 17.84
C LYS C 121 -14.50 -6.20 17.47
N VAL C 122 -15.04 -5.43 18.43
CA VAL C 122 -16.16 -4.56 18.10
C VAL C 122 -15.81 -3.66 16.94
N PHE C 123 -14.61 -3.07 16.98
CA PHE C 123 -14.18 -2.16 15.92
C PHE C 123 -14.18 -2.84 14.55
N TYR C 124 -13.56 -4.02 14.45
CA TYR C 124 -13.46 -4.65 13.13
C TYR C 124 -14.80 -5.18 12.66
N TYR C 125 -15.59 -5.76 13.57
CA TYR C 125 -16.91 -6.24 13.17
C TYR C 125 -17.84 -5.09 12.83
N LYS C 126 -17.69 -3.94 13.48
CA LYS C 126 -18.47 -2.78 13.05
C LYS C 126 -18.05 -2.34 11.66
N MET C 127 -16.75 -2.38 11.39
CA MET C 127 -16.23 -2.03 10.06
C MET C 127 -16.79 -2.96 8.98
N LYS C 128 -16.76 -4.27 9.24
CA LYS C 128 -17.34 -5.21 8.30
C LYS C 128 -18.78 -4.85 7.98
N GLY C 129 -19.56 -4.57 9.03
CA GLY C 129 -20.93 -4.14 8.81
C GLY C 129 -21.02 -2.89 7.97
N ASP C 130 -20.16 -1.91 8.25
CA ASP C 130 -20.17 -0.66 7.51
C ASP C 130 -20.00 -0.91 6.02
N TYR C 131 -18.98 -1.68 5.65
CA TYR C 131 -18.64 -1.80 4.24
C TYR C 131 -19.57 -2.76 3.52
N HIS C 132 -20.10 -3.75 4.22
CA HIS C 132 -21.21 -4.52 3.65
C HIS C 132 -22.44 -3.63 3.46
N ARG C 133 -22.64 -2.67 4.38
CA ARG C 133 -23.74 -1.73 4.24
C ARG C 133 -23.53 -0.81 3.04
N TYR C 134 -22.29 -0.37 2.81
CA TYR C 134 -21.97 0.46 1.64
C TYR C 134 -22.16 -0.34 0.36
N LEU C 135 -21.79 -1.61 0.37
CA LEU C 135 -22.07 -2.44 -0.79
C LEU C 135 -23.57 -2.48 -1.07
N ALA C 136 -24.37 -2.73 -0.03
CA ALA C 136 -25.81 -2.82 -0.19
C ALA C 136 -26.45 -1.52 -0.66
N GLU C 137 -25.78 -0.38 -0.44
CA GLU C 137 -26.35 0.91 -0.82
C GLU C 137 -26.62 1.00 -2.32
N PHE C 138 -25.74 0.43 -3.14
CA PHE C 138 -25.90 0.46 -4.58
C PHE C 138 -26.19 -0.92 -5.16
N ALA C 139 -26.30 -1.94 -4.32
CA ALA C 139 -26.60 -3.28 -4.82
C ALA C 139 -28.04 -3.35 -5.33
N THR C 140 -28.34 -4.43 -6.04
CA THR C 140 -29.68 -4.65 -6.57
C THR C 140 -29.99 -6.14 -6.60
N GLY C 141 -31.26 -6.49 -6.36
CA GLY C 141 -31.69 -7.87 -6.52
C GLY C 141 -31.09 -8.79 -5.48
N ASN C 142 -30.44 -9.86 -5.97
CA ASN C 142 -29.78 -10.81 -5.09
C ASN C 142 -28.62 -10.18 -4.31
N ASP C 143 -27.71 -9.52 -5.04
CA ASP C 143 -26.54 -8.93 -4.40
C ASP C 143 -26.91 -7.97 -3.28
N ARG C 144 -28.03 -7.26 -3.43
CA ARG C 144 -28.45 -6.36 -2.36
C ARG C 144 -28.85 -7.15 -1.12
N LYS C 145 -29.64 -8.22 -1.30
CA LYS C 145 -30.05 -9.04 -0.16
C LYS C 145 -28.85 -9.66 0.53
N GLU C 146 -27.89 -10.17 -0.25
CA GLU C 146 -26.72 -10.79 0.34
C GLU C 146 -25.89 -9.80 1.15
N ALA C 147 -25.62 -8.62 0.58
CA ALA C 147 -24.86 -7.62 1.31
C ALA C 147 -25.58 -7.25 2.61
N ALA C 148 -26.89 -7.04 2.52
CA ALA C 148 -27.67 -6.74 3.73
C ALA C 148 -27.53 -7.85 4.76
N GLU C 149 -27.63 -9.12 4.34
CA GLU C 149 -27.45 -10.20 5.30
C GLU C 149 -26.07 -10.13 5.93
N ASN C 150 -25.04 -9.89 5.12
CA ASN C 150 -23.68 -9.81 5.66
C ASN C 150 -23.52 -8.64 6.60
N SER C 151 -24.01 -7.46 6.20
CA SER C 151 -23.95 -6.31 7.08
C SER C 151 -24.67 -6.62 8.40
N LEU C 152 -25.88 -7.16 8.32
CA LEU C 152 -26.61 -7.45 9.54
C LEU C 152 -25.81 -8.39 10.43
N VAL C 153 -25.24 -9.44 9.86
CA VAL C 153 -24.53 -10.42 10.67
C VAL C 153 -23.33 -9.77 11.35
N ALA C 154 -22.58 -8.95 10.63
CA ALA C 154 -21.42 -8.31 11.25
C ALA C 154 -21.84 -7.38 12.38
N TYR C 155 -22.87 -6.57 12.14
CA TYR C 155 -23.31 -5.64 13.17
C TYR C 155 -23.76 -6.37 14.41
N LYS C 156 -24.49 -7.47 14.23
CA LYS C 156 -24.96 -8.24 15.39
C LYS C 156 -23.79 -8.86 16.15
N ALA C 157 -22.78 -9.35 15.43
CA ALA C 157 -21.58 -9.87 16.09
C ALA C 157 -20.90 -8.77 16.91
N ALA C 158 -20.62 -7.63 16.27
CA ALA C 158 -20.04 -6.50 17.00
C ALA C 158 -20.92 -6.12 18.19
N SER C 159 -22.23 -6.05 17.98
CA SER C 159 -23.12 -5.65 19.07
C SER C 159 -23.06 -6.64 20.22
N ASP C 160 -22.99 -7.94 19.91
CA ASP C 160 -22.94 -8.92 20.98
C ASP C 160 -21.63 -8.84 21.74
N ILE C 161 -20.52 -8.58 21.05
CA ILE C 161 -19.25 -8.42 21.74
C ILE C 161 -19.23 -7.14 22.56
N ALA C 162 -19.78 -6.05 22.02
CA ALA C 162 -19.72 -4.77 22.71
C ALA C 162 -20.56 -4.80 23.98
N MET C 163 -21.70 -5.49 23.95
CA MET C 163 -22.56 -5.58 25.13
C MET C 163 -21.79 -6.15 26.31
N THR C 164 -21.10 -7.27 26.10
CA THR C 164 -20.39 -7.95 27.17
C THR C 164 -18.98 -7.41 27.41
N GLU C 165 -18.40 -6.66 26.48
CA GLU C 165 -17.01 -6.26 26.58
C GLU C 165 -16.79 -4.75 26.69
N LEU C 166 -17.76 -3.91 26.31
CA LEU C 166 -17.58 -2.47 26.37
C LEU C 166 -18.69 -1.81 27.17
N PRO C 167 -18.37 -0.78 27.96
CA PRO C 167 -19.41 -0.07 28.70
C PRO C 167 -20.26 0.78 27.76
N PRO C 168 -21.52 1.05 28.11
CA PRO C 168 -22.42 1.77 27.19
C PRO C 168 -21.97 3.19 26.88
N THR C 169 -21.03 3.75 27.65
CA THR C 169 -20.50 5.08 27.38
C THR C 169 -19.30 5.06 26.45
N HIS C 170 -18.87 3.88 26.03
CA HIS C 170 -17.69 3.76 25.18
C HIS C 170 -17.97 4.31 23.79
N PRO C 171 -17.09 5.14 23.22
CA PRO C 171 -17.35 5.66 21.87
C PRO C 171 -17.50 4.57 20.82
N ILE C 172 -16.72 3.49 20.91
CA ILE C 172 -16.81 2.41 19.94
C ILE C 172 -18.16 1.72 20.04
N ARG C 173 -18.63 1.46 21.25
CA ARG C 173 -19.97 0.90 21.42
C ARG C 173 -21.03 1.87 20.90
N LEU C 174 -20.91 3.15 21.26
CA LEU C 174 -21.89 4.14 20.82
C LEU C 174 -21.89 4.29 19.31
N GLY C 175 -20.71 4.37 18.70
CA GLY C 175 -20.64 4.46 17.25
C GLY C 175 -21.26 3.24 16.57
N LEU C 176 -21.09 2.06 17.17
CA LEU C 176 -21.74 0.87 16.63
C LEU C 176 -23.26 1.04 16.62
N ALA C 177 -23.83 1.51 17.74
CA ALA C 177 -25.27 1.74 17.79
C ALA C 177 -25.71 2.73 16.73
N LEU C 178 -24.94 3.80 16.54
CA LEU C 178 -25.28 4.81 15.56
C LEU C 178 -25.38 4.20 14.16
N ASN C 179 -24.33 3.48 13.74
CA ASN C 179 -24.32 2.94 12.40
C ASN C 179 -25.35 1.83 12.22
N PHE C 180 -25.52 1.01 13.26
CA PHE C 180 -26.51 -0.07 13.19
C PHE C 180 -27.93 0.48 13.05
N SER C 181 -28.26 1.53 13.81
CA SER C 181 -29.57 2.15 13.63
C SER C 181 -29.71 2.73 12.23
N VAL C 182 -28.66 3.39 11.74
CA VAL C 182 -28.66 3.87 10.36
C VAL C 182 -28.85 2.71 9.40
N PHE C 183 -28.24 1.57 9.72
CA PHE C 183 -28.42 0.40 8.88
C PHE C 183 -29.89 0.00 8.81
N TYR C 184 -30.53 -0.08 9.98
CA TYR C 184 -31.96 -0.41 10.01
C TYR C 184 -32.75 0.59 9.18
N TYR C 185 -32.39 1.86 9.25
CA TYR C 185 -33.18 2.89 8.59
C TYR C 185 -33.00 2.85 7.07
N GLU C 186 -31.76 2.81 6.61
CA GLU C 186 -31.48 3.01 5.20
C GLU C 186 -31.53 1.73 4.38
N ILE C 187 -31.11 0.61 4.95
CA ILE C 187 -31.00 -0.64 4.20
C ILE C 187 -32.21 -1.54 4.43
N LEU C 188 -32.56 -1.78 5.69
CA LEU C 188 -33.71 -2.62 6.02
C LEU C 188 -35.01 -1.85 5.96
N ASN C 189 -34.96 -0.54 5.81
CA ASN C 189 -36.16 0.28 5.70
C ASN C 189 -37.08 0.11 6.92
N SER C 190 -36.50 -0.13 8.09
CA SER C 190 -37.31 -0.20 9.30
C SER C 190 -36.99 1.00 10.18
N PRO C 191 -37.61 2.14 9.92
CA PRO C 191 -37.36 3.31 10.79
C PRO C 191 -37.69 3.03 12.24
N ASP C 192 -38.73 2.21 12.49
CA ASP C 192 -39.10 1.88 13.87
C ASP C 192 -37.93 1.24 14.61
N ARG C 193 -37.36 0.17 14.05
CA ARG C 193 -36.24 -0.50 14.70
C ARG C 193 -35.09 0.47 14.93
N ALA C 194 -34.80 1.32 13.94
CA ALA C 194 -33.70 2.27 14.07
C ALA C 194 -33.87 3.16 15.30
N CYS C 195 -35.07 3.72 15.48
CA CYS C 195 -35.31 4.57 16.64
C CYS C 195 -35.21 3.78 17.92
N ARG C 196 -35.76 2.56 17.93
CA ARG C 196 -35.66 1.69 19.09
C ARG C 196 -34.21 1.52 19.49
N LEU C 197 -33.38 1.11 18.53
CA LEU C 197 -31.96 0.97 18.81
C LEU C 197 -31.35 2.29 19.23
N ALA C 198 -31.56 3.34 18.43
CA ALA C 198 -30.98 4.64 18.74
C ALA C 198 -31.35 5.09 20.15
N LYS C 199 -32.64 5.04 20.49
CA LYS C 199 -33.06 5.48 21.82
C LYS C 199 -32.44 4.61 22.91
N ALA C 200 -32.41 3.30 22.70
CA ALA C 200 -31.85 2.40 23.69
C ALA C 200 -30.39 2.72 23.96
N ALA C 201 -29.59 2.87 22.90
CA ALA C 201 -28.18 3.20 23.08
C ALA C 201 -28.01 4.51 23.84
N PHE C 202 -28.77 5.54 23.43
CA PHE C 202 -28.65 6.84 24.09
C PHE C 202 -28.95 6.74 25.58
N ASP C 203 -30.05 6.06 25.94
CA ASP C 203 -30.45 6.01 27.34
C ASP C 203 -29.44 5.25 28.18
N ASP C 204 -28.94 4.12 27.67
CA ASP C 204 -27.92 3.35 28.39
C ASP C 204 -26.66 4.19 28.62
N ALA C 205 -26.33 5.10 27.70
CA ALA C 205 -25.12 5.87 27.85
C ALA C 205 -25.20 6.85 29.03
N ILE C 206 -26.25 7.67 29.07
CA ILE C 206 -26.33 8.63 30.17
C ILE C 206 -26.50 7.90 31.49
N ALA C 207 -27.06 6.69 31.46
CA ALA C 207 -27.29 5.96 32.70
C ALA C 207 -25.99 5.73 33.47
N GLU C 208 -24.90 5.43 32.75
CA GLU C 208 -23.59 5.23 33.36
C GLU C 208 -22.63 6.36 33.00
N LEU C 209 -23.16 7.53 32.66
CA LEU C 209 -22.36 8.69 32.29
C LEU C 209 -21.47 9.20 33.42
N ASP C 210 -21.75 8.81 34.67
CA ASP C 210 -20.98 9.35 35.79
C ASP C 210 -19.50 9.04 35.67
N THR C 211 -19.13 7.99 34.97
CA THR C 211 -17.73 7.63 34.74
C THR C 211 -17.41 7.81 33.27
N LEU C 212 -16.39 8.60 32.96
CA LEU C 212 -16.02 8.80 31.56
C LEU C 212 -14.72 9.58 31.47
N SER C 213 -13.86 9.21 30.54
CA SER C 213 -12.61 9.91 30.34
C SER C 213 -12.82 11.16 29.51
N GLU C 214 -12.05 12.20 29.83
CA GLU C 214 -12.15 13.47 29.12
C GLU C 214 -12.24 13.28 27.61
N GLU C 215 -11.30 12.52 27.05
CA GLU C 215 -11.34 12.23 25.62
C GLU C 215 -12.56 11.38 25.28
N SER C 216 -12.88 10.39 26.11
CA SER C 216 -14.08 9.61 25.85
C SER C 216 -15.35 10.39 26.21
N TYR C 217 -15.24 11.40 27.07
CA TYR C 217 -16.39 12.24 27.36
C TYR C 217 -16.81 13.03 26.13
N LYS C 218 -15.85 13.69 25.48
CA LYS C 218 -16.14 14.41 24.25
C LYS C 218 -16.65 13.47 23.16
N ASP C 219 -15.92 12.40 22.88
CA ASP C 219 -16.31 11.49 21.79
C ASP C 219 -17.69 10.90 22.05
N SER C 220 -17.94 10.45 23.26
CA SER C 220 -19.24 9.83 23.54
C SER C 220 -20.36 10.85 23.39
N THR C 221 -20.18 12.06 23.94
CA THR C 221 -21.24 13.05 23.88
C THR C 221 -21.56 13.44 22.44
N LEU C 222 -20.53 13.53 21.59
CA LEU C 222 -20.77 13.84 20.18
C LEU C 222 -21.61 12.74 19.52
N ILE C 223 -21.20 11.48 19.67
CA ILE C 223 -22.00 10.39 19.11
C ILE C 223 -23.41 10.45 19.66
N MET C 224 -23.54 10.70 20.97
CA MET C 224 -24.86 10.82 21.57
C MET C 224 -25.66 11.94 20.93
N GLN C 225 -25.01 13.01 20.52
CA GLN C 225 -25.77 14.07 19.85
C GLN C 225 -26.21 13.62 18.46
N LEU C 226 -25.42 12.78 17.81
CA LEU C 226 -25.84 12.23 16.53
C LEU C 226 -27.04 11.32 16.70
N LEU C 227 -27.05 10.48 17.72
CA LEU C 227 -28.22 9.66 18.00
C LEU C 227 -29.46 10.52 18.24
N ARG C 228 -29.30 11.60 19.01
CA ARG C 228 -30.43 12.50 19.26
C ARG C 228 -30.92 13.16 17.98
N ASP C 229 -29.99 13.62 17.14
CA ASP C 229 -30.39 14.23 15.87
C ASP C 229 -31.09 13.22 14.96
N ASN C 230 -30.48 12.05 14.75
CA ASN C 230 -31.12 11.05 13.90
C ASN C 230 -32.52 10.75 14.39
N LEU C 231 -32.67 10.57 15.70
CA LEU C 231 -33.99 10.28 16.25
C LEU C 231 -34.95 11.43 15.96
N THR C 232 -34.55 12.66 16.25
CA THR C 232 -35.42 13.80 16.00
C THR C 232 -35.90 13.81 14.55
N LEU C 233 -34.97 13.59 13.61
CA LEU C 233 -35.34 13.60 12.20
C LEU C 233 -36.30 12.46 11.88
N TRP C 234 -35.99 11.25 12.37
CA TRP C 234 -36.78 10.07 12.01
C TRP C 234 -38.20 10.16 12.56
N THR C 235 -38.37 10.70 13.77
CA THR C 235 -39.71 10.86 14.32
C THR C 235 -40.51 11.94 13.60
N SER C 236 -39.86 13.02 13.18
CA SER C 236 -40.55 14.06 12.41
C SER C 236 -41.25 13.45 11.20
N ASP C 237 -40.53 12.63 10.45
CA ASP C 237 -41.06 11.92 9.29
C ASP C 237 -41.88 10.71 9.73
N THR D 3 -14.76 15.86 -34.99
CA THR D 3 -16.22 15.93 -35.11
C THR D 3 -16.82 16.67 -33.92
N MET D 4 -17.61 17.72 -34.19
CA MET D 4 -18.22 18.50 -33.11
C MET D 4 -19.01 17.61 -32.15
N ASP D 5 -19.61 16.53 -32.66
CA ASP D 5 -20.30 15.58 -31.79
C ASP D 5 -19.36 15.08 -30.69
N ASP D 6 -18.17 14.62 -31.10
CA ASP D 6 -17.16 14.22 -30.12
C ASP D 6 -16.93 15.33 -29.09
N ARG D 7 -16.89 16.58 -29.54
CA ARG D 7 -16.65 17.70 -28.64
C ARG D 7 -17.76 17.81 -27.59
N GLU D 8 -19.02 17.76 -28.02
CA GLU D 8 -20.13 17.85 -27.06
C GLU D 8 -20.07 16.72 -26.05
N ASP D 9 -19.74 15.51 -26.50
CA ASP D 9 -19.61 14.39 -25.58
C ASP D 9 -18.50 14.65 -24.57
N LEU D 10 -17.36 15.15 -25.05
CA LEU D 10 -16.27 15.49 -24.14
C LEU D 10 -16.71 16.53 -23.12
N VAL D 11 -17.48 17.53 -23.58
CA VAL D 11 -17.91 18.56 -22.65
C VAL D 11 -18.89 17.99 -21.62
N TYR D 12 -19.79 17.10 -22.05
CA TYR D 12 -20.69 16.45 -21.10
C TYR D 12 -19.93 15.55 -20.13
N GLN D 13 -18.91 14.84 -20.63
CA GLN D 13 -18.06 14.08 -19.72
C GLN D 13 -17.43 15.01 -18.69
N ALA D 14 -16.93 16.16 -19.12
CA ALA D 14 -16.35 17.11 -18.18
C ALA D 14 -17.39 17.61 -17.19
N LYS D 15 -18.62 17.89 -17.66
CA LYS D 15 -19.64 18.40 -16.76
C LYS D 15 -20.05 17.36 -15.73
N LEU D 16 -20.09 16.08 -16.12
CA LEU D 16 -20.35 15.02 -15.16
C LEU D 16 -19.20 14.89 -14.17
N ALA D 17 -17.97 14.88 -14.67
CA ALA D 17 -16.83 14.76 -13.76
C ALA D 17 -16.83 15.88 -12.74
N GLU D 18 -17.23 17.09 -13.16
CA GLU D 18 -17.32 18.20 -12.22
C GLU D 18 -18.40 17.95 -11.18
N GLN D 19 -19.59 17.54 -11.61
CA GLN D 19 -20.64 17.20 -10.65
C GLN D 19 -20.14 16.13 -9.68
N ALA D 20 -19.46 15.11 -10.21
CA ALA D 20 -18.94 14.03 -9.37
C ALA D 20 -17.67 14.41 -8.63
N GLU D 21 -17.08 15.57 -8.92
CA GLU D 21 -15.83 15.98 -8.28
C GLU D 21 -14.70 14.99 -8.55
N ARG D 22 -14.75 14.34 -9.70
CA ARG D 22 -13.66 13.48 -10.16
C ARG D 22 -12.91 14.34 -11.17
N TYR D 23 -12.00 15.16 -10.64
CA TYR D 23 -11.41 16.25 -11.42
C TYR D 23 -10.31 15.77 -12.35
N ASP D 24 -9.64 14.67 -12.03
CA ASP D 24 -8.65 14.10 -12.92
C ASP D 24 -9.27 13.68 -14.25
N GLU D 25 -10.42 13.04 -14.22
CA GLU D 25 -11.08 12.67 -15.46
C GLU D 25 -11.61 13.92 -16.18
N MET D 26 -12.14 14.88 -15.42
CA MET D 26 -12.56 16.13 -16.03
C MET D 26 -11.40 16.83 -16.72
N VAL D 27 -10.20 16.76 -16.14
CA VAL D 27 -9.02 17.31 -16.81
C VAL D 27 -8.76 16.56 -18.11
N GLU D 28 -8.79 15.22 -18.06
CA GLU D 28 -8.52 14.41 -19.24
C GLU D 28 -9.46 14.77 -20.40
N SER D 29 -10.75 14.96 -20.12
CA SER D 29 -11.72 15.31 -21.16
C SER D 29 -11.45 16.69 -21.75
N MET D 30 -11.29 17.68 -20.88
CA MET D 30 -11.11 19.06 -21.33
C MET D 30 -9.79 19.24 -22.06
N LYS D 31 -8.77 18.44 -21.73
CA LYS D 31 -7.50 18.52 -22.45
C LYS D 31 -7.64 18.01 -23.88
N LYS D 32 -8.34 16.88 -24.07
CA LYS D 32 -8.61 16.41 -25.42
C LYS D 32 -9.35 17.49 -26.21
N VAL D 33 -10.27 18.21 -25.56
CA VAL D 33 -10.96 19.32 -26.20
C VAL D 33 -9.96 20.39 -26.61
N ALA D 34 -9.11 20.80 -25.66
CA ALA D 34 -8.12 21.85 -25.94
C ALA D 34 -7.20 21.46 -27.10
N GLY D 35 -6.95 20.17 -27.27
CA GLY D 35 -6.11 19.71 -28.37
C GLY D 35 -6.75 19.86 -29.75
N MET D 36 -8.03 20.20 -29.80
CA MET D 36 -8.75 20.33 -31.06
C MET D 36 -8.34 21.57 -31.86
N ASP D 37 -7.55 22.47 -31.27
CA ASP D 37 -7.05 23.64 -31.99
C ASP D 37 -8.21 24.48 -32.54
N VAL D 38 -9.17 24.75 -31.66
CA VAL D 38 -10.37 25.50 -31.99
C VAL D 38 -10.56 26.57 -30.92
N GLU D 39 -11.43 27.53 -31.22
CA GLU D 39 -11.83 28.49 -30.21
C GLU D 39 -12.77 27.83 -29.23
N LEU D 40 -12.38 27.78 -27.96
CA LEU D 40 -13.24 27.22 -26.92
C LEU D 40 -14.36 28.18 -26.56
N THR D 41 -15.52 27.62 -26.24
CA THR D 41 -16.60 28.41 -25.68
C THR D 41 -16.24 28.91 -24.28
N VAL D 42 -16.99 29.91 -23.81
CA VAL D 42 -16.81 30.37 -22.44
C VAL D 42 -16.97 29.21 -21.47
N GLU D 43 -18.01 28.40 -21.68
CA GLU D 43 -18.24 27.24 -20.81
C GLU D 43 -17.05 26.31 -20.81
N GLU D 44 -16.54 25.97 -22.00
CA GLU D 44 -15.42 25.04 -22.10
C GLU D 44 -14.17 25.61 -21.46
N ARG D 45 -13.96 26.92 -21.61
CA ARG D 45 -12.83 27.56 -20.95
C ARG D 45 -12.94 27.45 -19.43
N ASN D 46 -14.14 27.69 -18.89
CA ASN D 46 -14.33 27.55 -17.45
C ASN D 46 -14.12 26.11 -17.00
N LEU D 47 -14.70 25.16 -17.74
CA LEU D 47 -14.50 23.75 -17.43
C LEU D 47 -13.02 23.43 -17.37
N LEU D 48 -12.26 23.90 -18.37
CA LEU D 48 -10.83 23.64 -18.38
C LEU D 48 -10.15 24.22 -17.15
N SER D 49 -10.40 25.49 -16.87
CA SER D 49 -9.76 26.13 -15.72
C SER D 49 -10.17 25.46 -14.41
N VAL D 50 -11.45 25.14 -14.27
CA VAL D 50 -11.92 24.49 -13.05
C VAL D 50 -11.23 23.15 -12.86
N ALA D 51 -11.14 22.36 -13.93
CA ALA D 51 -10.51 21.04 -13.83
C ALA D 51 -9.09 21.14 -13.28
N TYR D 52 -8.27 22.00 -13.87
CA TYR D 52 -6.87 22.06 -13.45
C TYR D 52 -6.73 22.67 -12.06
N LYS D 53 -7.52 23.72 -11.76
CA LYS D 53 -7.41 24.37 -10.45
C LYS D 53 -7.64 23.38 -9.33
N ASN D 54 -8.62 22.50 -9.50
CA ASN D 54 -8.90 21.50 -8.48
C ASN D 54 -7.78 20.47 -8.38
N VAL D 55 -7.29 19.98 -9.52
CA VAL D 55 -6.21 19.02 -9.51
C VAL D 55 -4.98 19.60 -8.82
N ILE D 56 -4.62 20.83 -9.20
CA ILE D 56 -3.46 21.47 -8.60
C ILE D 56 -3.74 21.88 -7.17
N GLY D 57 -4.98 22.31 -6.88
CA GLY D 57 -5.29 22.80 -5.56
C GLY D 57 -5.13 21.75 -4.47
N ALA D 58 -5.48 20.51 -4.80
CA ALA D 58 -5.24 19.40 -3.87
C ALA D 58 -3.77 19.37 -3.45
N ARG D 59 -2.85 19.42 -4.42
CA ARG D 59 -1.42 19.38 -4.12
C ARG D 59 -0.96 20.65 -3.40
N ARG D 60 -1.45 21.81 -3.81
CA ARG D 60 -1.03 23.03 -3.15
C ARG D 60 -1.37 23.00 -1.67
N ALA D 61 -2.58 22.52 -1.33
CA ALA D 61 -2.97 22.43 0.07
C ALA D 61 -2.13 21.40 0.82
N SER D 62 -1.90 20.22 0.21
CA SER D 62 -1.02 19.23 0.83
C SER D 62 0.37 19.79 1.07
N TRP D 63 0.92 20.47 0.07
CA TRP D 63 2.28 20.99 0.20
C TRP D 63 2.40 21.98 1.35
N ARG D 64 1.41 22.88 1.50
CA ARG D 64 1.45 23.85 2.59
C ARG D 64 1.43 23.15 3.95
N ILE D 65 0.58 22.13 4.09
CA ILE D 65 0.50 21.43 5.37
C ILE D 65 1.82 20.75 5.67
N ILE D 66 2.37 20.04 4.67
CA ILE D 66 3.62 19.30 4.88
C ILE D 66 4.75 20.26 5.25
N SER D 67 4.81 21.41 4.58
CA SER D 67 5.82 22.41 4.92
C SER D 67 5.63 22.87 6.36
N SER D 68 4.39 23.12 6.76
CA SER D 68 4.14 23.50 8.15
C SER D 68 4.64 22.43 9.10
N ILE D 69 4.27 21.17 8.85
CA ILE D 69 4.74 20.08 9.70
C ILE D 69 6.25 20.01 9.69
N GLU D 70 6.86 20.25 8.53
CA GLU D 70 8.32 20.18 8.43
C GLU D 70 8.98 21.21 9.33
N GLN D 71 8.46 22.44 9.33
CA GLN D 71 9.03 23.49 10.18
C GLN D 71 8.91 23.11 11.66
N LYS D 72 7.71 22.72 12.10
CA LYS D 72 7.52 22.37 13.50
C LYS D 72 8.49 21.28 13.94
N GLU D 73 8.66 20.24 13.11
CA GLU D 73 9.53 19.13 13.50
C GLU D 73 11.01 19.52 13.45
N GLU D 74 11.41 20.33 12.46
CA GLU D 74 12.81 20.77 12.38
C GLU D 74 13.20 21.58 13.61
N ASN D 75 12.28 22.40 14.12
CA ASN D 75 12.52 23.11 15.38
C ASN D 75 12.71 22.14 16.52
N LYS D 76 11.91 21.07 16.56
CA LYS D 76 12.02 20.09 17.63
C LYS D 76 13.32 19.30 17.54
N GLY D 77 13.73 18.91 16.33
CA GLY D 77 14.94 18.16 16.14
C GLY D 77 14.77 16.67 15.86
N GLY D 78 13.63 16.24 15.35
CA GLY D 78 13.40 14.83 15.03
C GLY D 78 13.99 14.45 13.68
N GLU D 79 15.15 13.80 13.70
CA GLU D 79 15.89 13.56 12.46
C GLU D 79 15.16 12.62 11.51
N ASP D 80 14.69 11.48 12.02
CA ASP D 80 14.04 10.49 11.14
C ASP D 80 12.71 11.02 10.60
N LYS D 81 11.88 11.60 11.47
CA LYS D 81 10.63 12.18 11.01
C LYS D 81 10.89 13.26 9.96
N LEU D 82 11.94 14.06 10.16
CA LEU D 82 12.21 15.14 9.22
C LEU D 82 12.57 14.59 7.84
N LYS D 83 13.35 13.51 7.79
CA LYS D 83 13.67 12.94 6.48
C LYS D 83 12.42 12.51 5.75
N MET D 84 11.48 11.88 6.45
CA MET D 84 10.23 11.47 5.82
C MET D 84 9.44 12.69 5.34
N ILE D 85 9.35 13.73 6.18
CA ILE D 85 8.62 14.93 5.79
C ILE D 85 9.23 15.54 4.53
N ARG D 86 10.57 15.58 4.47
CA ARG D 86 11.21 16.16 3.29
C ARG D 86 10.89 15.34 2.05
N GLU D 87 11.07 14.02 2.12
CA GLU D 87 10.77 13.19 0.95
C GLU D 87 9.31 13.34 0.53
N TYR D 88 8.40 13.45 1.50
CA TYR D 88 7.00 13.64 1.17
C TYR D 88 6.78 14.98 0.48
N ARG D 89 7.33 16.05 1.05
CA ARG D 89 7.21 17.36 0.41
C ARG D 89 7.77 17.31 -1.00
N GLN D 90 8.88 16.60 -1.19
CA GLN D 90 9.46 16.49 -2.52
C GLN D 90 8.54 15.72 -3.47
N MET D 91 7.86 14.69 -2.97
CA MET D 91 6.93 13.96 -3.83
C MET D 91 5.79 14.86 -4.27
N VAL D 92 5.21 15.63 -3.34
CA VAL D 92 4.16 16.56 -3.72
C VAL D 92 4.71 17.62 -4.68
N GLU D 93 5.94 18.08 -4.44
CA GLU D 93 6.51 19.09 -5.32
C GLU D 93 6.65 18.57 -6.74
N THR D 94 6.98 17.28 -6.89
CA THR D 94 7.05 16.68 -8.22
C THR D 94 5.70 16.68 -8.90
N GLU D 95 4.65 16.31 -8.16
CA GLU D 95 3.29 16.34 -8.71
C GLU D 95 2.91 17.75 -9.14
N LEU D 96 3.22 18.75 -8.32
CA LEU D 96 2.90 20.13 -8.70
C LEU D 96 3.57 20.53 -10.01
N LYS D 97 4.86 20.21 -10.17
CA LYS D 97 5.54 20.57 -11.42
C LYS D 97 4.90 19.87 -12.61
N LEU D 98 4.54 18.60 -12.46
CA LEU D 98 3.97 17.86 -13.59
C LEU D 98 2.66 18.51 -14.05
N ILE D 99 1.79 18.85 -13.10
CA ILE D 99 0.51 19.49 -13.43
C ILE D 99 0.74 20.84 -14.07
N CYS D 100 1.59 21.67 -13.46
CA CYS D 100 1.85 22.99 -14.02
C CYS D 100 2.45 22.89 -15.41
N CYS D 101 3.44 22.02 -15.58
CA CYS D 101 4.03 21.85 -16.92
C CYS D 101 3.00 21.33 -17.89
N ASP D 102 2.09 20.49 -17.43
CA ASP D 102 1.06 19.94 -18.30
C ASP D 102 0.15 21.03 -18.87
N ILE D 103 -0.45 21.85 -18.00
CA ILE D 103 -1.36 22.91 -18.45
C ILE D 103 -0.61 23.99 -19.23
N LEU D 104 0.63 24.26 -18.82
CA LEU D 104 1.45 25.24 -19.52
C LEU D 104 1.75 24.81 -20.95
N ASP D 105 1.98 23.52 -21.16
CA ASP D 105 2.22 22.99 -22.51
C ASP D 105 0.96 23.06 -23.36
N VAL D 106 -0.19 22.68 -22.79
CA VAL D 106 -1.46 22.78 -23.51
C VAL D 106 -1.70 24.21 -23.97
N LEU D 107 -1.48 25.17 -23.08
CA LEU D 107 -1.68 26.57 -23.42
C LEU D 107 -0.76 27.00 -24.54
N ASP D 108 0.53 26.68 -24.42
CA ASP D 108 1.51 27.19 -25.35
C ASP D 108 1.61 26.39 -26.65
N LYS D 109 0.77 25.38 -26.86
CA LYS D 109 0.80 24.62 -28.10
C LYS D 109 -0.55 24.44 -28.76
N HIS D 110 -1.65 24.71 -28.06
CA HIS D 110 -2.98 24.51 -28.63
C HIS D 110 -3.91 25.69 -28.32
N LEU D 111 -4.06 26.01 -27.03
CA LEU D 111 -5.04 27.01 -26.61
C LEU D 111 -4.70 28.41 -27.13
N ILE D 112 -3.53 28.93 -26.76
CA ILE D 112 -3.17 30.30 -27.15
C ILE D 112 -3.02 30.46 -28.66
N PRO D 113 -2.30 29.59 -29.36
CA PRO D 113 -2.19 29.76 -30.82
C PRO D 113 -3.54 29.77 -31.52
N ALA D 114 -4.53 29.10 -30.94
CA ALA D 114 -5.87 29.06 -31.52
C ALA D 114 -6.78 30.16 -30.99
N ALA D 115 -6.32 30.94 -30.01
CA ALA D 115 -7.18 31.96 -29.41
C ALA D 115 -7.62 32.96 -30.47
N ASN D 116 -8.90 33.28 -30.45
CA ASN D 116 -9.51 34.07 -31.50
C ASN D 116 -10.17 35.35 -31.01
N THR D 117 -10.37 35.51 -29.71
CA THR D 117 -10.96 36.73 -29.17
C THR D 117 -10.05 37.30 -28.09
N GLY D 118 -10.27 38.57 -27.76
CA GLY D 118 -9.49 39.18 -26.69
C GLY D 118 -9.75 38.52 -25.36
N GLU D 119 -11.03 38.22 -25.08
CA GLU D 119 -11.37 37.53 -23.84
C GLU D 119 -10.57 36.24 -23.70
N SER D 120 -10.46 35.46 -24.78
CA SER D 120 -9.72 34.20 -24.72
C SER D 120 -8.24 34.44 -24.47
N LYS D 121 -7.67 35.47 -25.12
CA LYS D 121 -6.27 35.80 -24.91
C LYS D 121 -6.00 36.17 -23.46
N VAL D 122 -6.82 37.06 -22.90
CA VAL D 122 -6.69 37.39 -21.49
C VAL D 122 -6.77 36.13 -20.64
N PHE D 123 -7.79 35.30 -20.91
CA PHE D 123 -8.02 34.10 -20.11
C PHE D 123 -6.81 33.18 -20.14
N TYR D 124 -6.26 32.92 -21.33
CA TYR D 124 -5.17 31.96 -21.44
C TYR D 124 -3.88 32.51 -20.85
N TYR D 125 -3.59 33.78 -21.08
CA TYR D 125 -2.39 34.38 -20.50
C TYR D 125 -2.50 34.52 -18.99
N LYS D 126 -3.72 34.69 -18.47
CA LYS D 126 -3.87 34.69 -17.02
C LYS D 126 -3.50 33.32 -16.45
N MET D 127 -3.94 32.25 -17.12
CA MET D 127 -3.57 30.91 -16.68
C MET D 127 -2.06 30.74 -16.66
N LYS D 128 -1.40 31.17 -17.75
CA LYS D 128 0.05 31.15 -17.79
C LYS D 128 0.60 31.82 -16.54
N GLY D 129 0.09 33.02 -16.23
CA GLY D 129 0.51 33.69 -15.01
C GLY D 129 0.24 32.85 -13.77
N ASP D 130 -0.94 32.26 -13.69
CA ASP D 130 -1.33 31.50 -12.50
C ASP D 130 -0.40 30.31 -12.25
N TYR D 131 -0.19 29.47 -13.27
CA TYR D 131 0.53 28.22 -13.03
C TYR D 131 2.04 28.43 -12.99
N HIS D 132 2.56 29.45 -13.67
CA HIS D 132 3.94 29.85 -13.38
C HIS D 132 4.05 30.39 -11.96
N ARG D 133 2.98 31.03 -11.46
CA ARG D 133 2.96 31.47 -10.07
C ARG D 133 2.92 30.28 -9.11
N TYR D 134 2.13 29.26 -9.42
CA TYR D 134 2.09 28.10 -8.54
C TYR D 134 3.46 27.44 -8.48
N LEU D 135 4.13 27.35 -9.63
CA LEU D 135 5.49 26.82 -9.63
C LEU D 135 6.37 27.62 -8.67
N ALA D 136 6.31 28.95 -8.79
CA ALA D 136 7.12 29.81 -7.94
C ALA D 136 6.78 29.66 -6.48
N GLU D 137 5.58 29.17 -6.16
CA GLU D 137 5.17 29.07 -4.76
C GLU D 137 6.11 28.15 -3.98
N PHE D 138 6.58 27.08 -4.60
CA PHE D 138 7.46 26.13 -3.92
C PHE D 138 8.86 26.08 -4.54
N ALA D 139 9.14 26.89 -5.56
CA ALA D 139 10.45 26.92 -6.15
C ALA D 139 11.45 27.53 -5.17
N THR D 140 12.73 27.44 -5.51
CA THR D 140 13.76 28.01 -4.66
C THR D 140 14.91 28.52 -5.51
N GLY D 141 15.56 29.57 -5.02
CA GLY D 141 16.80 30.01 -5.65
C GLY D 141 16.58 30.55 -7.05
N ASN D 142 17.39 30.06 -7.99
CA ASN D 142 17.25 30.48 -9.37
C ASN D 142 15.91 30.03 -9.92
N ASP D 143 15.55 28.77 -9.69
CA ASP D 143 14.27 28.27 -10.20
C ASP D 143 13.12 29.15 -9.75
N ARG D 144 13.20 29.72 -8.56
CA ARG D 144 12.14 30.63 -8.16
C ARG D 144 12.18 31.91 -8.98
N LYS D 145 13.37 32.49 -9.18
CA LYS D 145 13.40 33.71 -9.98
C LYS D 145 12.84 33.49 -11.37
N GLU D 146 13.14 32.36 -11.99
CA GLU D 146 12.63 32.08 -13.33
C GLU D 146 11.11 31.97 -13.34
N ALA D 147 10.54 31.21 -12.39
CA ALA D 147 9.08 31.07 -12.33
C ALA D 147 8.41 32.42 -12.08
N ALA D 148 8.93 33.18 -11.12
CA ALA D 148 8.37 34.50 -10.83
C ALA D 148 8.40 35.39 -12.06
N GLU D 149 9.54 35.42 -12.76
CA GLU D 149 9.65 36.23 -13.96
C GLU D 149 8.68 35.78 -15.05
N ASN D 150 8.57 34.47 -15.26
CA ASN D 150 7.65 33.95 -16.28
C ASN D 150 6.22 34.29 -15.95
N SER D 151 5.82 34.12 -14.69
CA SER D 151 4.47 34.49 -14.29
C SER D 151 4.25 35.98 -14.56
N LEU D 152 5.21 36.82 -14.19
CA LEU D 152 5.07 38.25 -14.41
C LEU D 152 4.87 38.57 -15.88
N VAL D 153 5.64 37.94 -16.76
CA VAL D 153 5.50 38.22 -18.18
C VAL D 153 4.10 37.87 -18.66
N ALA D 154 3.58 36.73 -18.20
CA ALA D 154 2.25 36.30 -18.61
C ALA D 154 1.19 37.27 -18.11
N TYR D 155 1.27 37.67 -16.84
CA TYR D 155 0.34 38.63 -16.28
C TYR D 155 0.44 39.98 -16.99
N LYS D 156 1.67 40.46 -17.21
CA LYS D 156 1.83 41.75 -17.86
C LYS D 156 1.26 41.70 -19.27
N ALA D 157 1.46 40.58 -19.96
CA ALA D 157 0.84 40.42 -21.27
C ALA D 157 -0.68 40.48 -21.16
N ALA D 158 -1.26 39.63 -20.31
CA ALA D 158 -2.71 39.60 -20.14
C ALA D 158 -3.27 40.98 -19.80
N SER D 159 -2.59 41.74 -18.94
CA SER D 159 -3.09 43.05 -18.56
C SER D 159 -3.20 43.97 -19.77
N ASP D 160 -2.23 43.88 -20.69
CA ASP D 160 -2.23 44.76 -21.85
C ASP D 160 -3.38 44.46 -22.81
N ILE D 161 -3.68 43.18 -23.05
CA ILE D 161 -4.82 42.86 -23.91
C ILE D 161 -6.13 43.25 -23.23
N ALA D 162 -6.25 43.00 -21.93
CA ALA D 162 -7.51 43.28 -21.24
C ALA D 162 -7.80 44.78 -21.21
N MET D 163 -6.76 45.58 -21.01
CA MET D 163 -6.93 47.03 -21.02
C MET D 163 -7.40 47.50 -22.40
N THR D 164 -7.07 46.77 -23.45
CA THR D 164 -7.45 47.14 -24.80
C THR D 164 -8.74 46.47 -25.25
N GLU D 165 -9.12 45.36 -24.62
CA GLU D 165 -10.24 44.55 -25.09
C GLU D 165 -11.35 44.36 -24.07
N LEU D 166 -11.08 44.56 -22.78
CA LEU D 166 -12.12 44.28 -21.82
C LEU D 166 -12.42 45.50 -20.96
N PRO D 167 -13.69 45.75 -20.68
CA PRO D 167 -14.04 46.89 -19.82
C PRO D 167 -13.58 46.61 -18.39
N PRO D 168 -13.30 47.66 -17.62
CA PRO D 168 -12.74 47.45 -16.28
C PRO D 168 -13.65 46.66 -15.34
N THR D 169 -14.94 46.54 -15.65
CA THR D 169 -15.87 45.74 -14.86
C THR D 169 -15.96 44.30 -15.33
N HIS D 170 -15.22 43.92 -16.37
CA HIS D 170 -15.35 42.58 -16.93
C HIS D 170 -14.81 41.55 -15.94
N PRO D 171 -15.53 40.44 -15.70
CA PRO D 171 -15.07 39.48 -14.69
C PRO D 171 -13.70 38.92 -14.97
N ILE D 172 -13.38 38.65 -16.24
CA ILE D 172 -12.08 38.09 -16.56
C ILE D 172 -10.97 39.09 -16.26
N ARG D 173 -11.20 40.36 -16.62
CA ARG D 173 -10.22 41.39 -16.28
C ARG D 173 -10.06 41.54 -14.78
N LEU D 174 -11.17 41.57 -14.04
CA LEU D 174 -11.08 41.71 -12.59
C LEU D 174 -10.32 40.54 -11.97
N GLY D 175 -10.65 39.32 -12.38
CA GLY D 175 -9.94 38.17 -11.86
C GLY D 175 -8.45 38.22 -12.16
N LEU D 176 -8.08 38.74 -13.33
CA LEU D 176 -6.67 38.93 -13.63
C LEU D 176 -6.04 39.90 -12.64
N ALA D 177 -6.72 41.02 -12.37
CA ALA D 177 -6.20 41.98 -11.40
C ALA D 177 -6.07 41.35 -10.01
N LEU D 178 -7.06 40.56 -9.61
CA LEU D 178 -7.00 39.89 -8.32
C LEU D 178 -5.78 38.98 -8.23
N ASN D 179 -5.62 38.07 -9.19
CA ASN D 179 -4.54 37.10 -9.10
C ASN D 179 -3.19 37.78 -9.25
N PHE D 180 -3.13 38.81 -10.10
CA PHE D 180 -1.91 39.59 -10.27
C PHE D 180 -1.54 40.31 -8.98
N SER D 181 -2.53 40.87 -8.28
CA SER D 181 -2.23 41.51 -7.00
C SER D 181 -1.71 40.49 -6.00
N VAL D 182 -2.34 39.31 -5.93
CA VAL D 182 -1.83 38.24 -5.09
C VAL D 182 -0.41 37.87 -5.48
N PHE D 183 -0.13 37.88 -6.79
CA PHE D 183 1.22 37.59 -7.26
C PHE D 183 2.24 38.58 -6.67
N TYR D 184 1.94 39.88 -6.75
CA TYR D 184 2.81 40.89 -6.15
C TYR D 184 2.99 40.67 -4.66
N TYR D 185 1.92 40.24 -3.98
CA TYR D 185 1.98 40.12 -2.53
C TYR D 185 2.78 38.89 -2.09
N GLU D 186 2.50 37.72 -2.68
CA GLU D 186 3.06 36.48 -2.18
C GLU D 186 4.39 36.11 -2.83
N ILE D 187 4.57 36.45 -4.10
CA ILE D 187 5.77 36.07 -4.84
C ILE D 187 6.81 37.19 -4.85
N LEU D 188 6.41 38.39 -5.26
CA LEU D 188 7.35 39.52 -5.31
C LEU D 188 7.53 40.19 -3.97
N ASN D 189 6.68 39.89 -3.00
CA ASN D 189 6.80 40.45 -1.66
C ASN D 189 6.78 41.97 -1.65
N SER D 190 6.03 42.60 -2.56
CA SER D 190 5.87 44.05 -2.56
C SER D 190 4.44 44.38 -2.18
N PRO D 191 4.11 44.49 -0.89
CA PRO D 191 2.73 44.83 -0.52
C PRO D 191 2.29 46.17 -1.08
N ASP D 192 3.21 47.13 -1.19
CA ASP D 192 2.85 48.45 -1.74
C ASP D 192 2.25 48.30 -3.12
N ARG D 193 2.96 47.64 -4.04
CA ARG D 193 2.45 47.46 -5.39
C ARG D 193 1.21 46.56 -5.38
N ALA D 194 1.22 45.49 -4.58
CA ALA D 194 0.04 44.63 -4.49
C ALA D 194 -1.20 45.48 -4.23
N CYS D 195 -1.12 46.37 -3.23
CA CYS D 195 -2.26 47.22 -2.91
C CYS D 195 -2.58 48.17 -4.06
N ARG D 196 -1.55 48.82 -4.61
CA ARG D 196 -1.74 49.74 -5.73
C ARG D 196 -2.51 49.06 -6.86
N LEU D 197 -2.10 47.85 -7.24
CA LEU D 197 -2.82 47.11 -8.27
C LEU D 197 -4.26 46.86 -7.86
N ALA D 198 -4.47 46.27 -6.68
CA ALA D 198 -5.83 45.97 -6.25
C ALA D 198 -6.70 47.22 -6.26
N LYS D 199 -6.22 48.31 -5.64
CA LYS D 199 -7.03 49.51 -5.53
C LYS D 199 -7.39 50.09 -6.90
N ALA D 200 -6.42 50.08 -7.83
CA ALA D 200 -6.69 50.60 -9.16
C ALA D 200 -7.78 49.79 -9.85
N ALA D 201 -7.65 48.45 -9.82
CA ALA D 201 -8.65 47.59 -10.44
C ALA D 201 -10.03 47.85 -9.87
N PHE D 202 -10.12 47.97 -8.54
CA PHE D 202 -11.38 48.28 -7.89
C PHE D 202 -11.93 49.63 -8.36
N ASP D 203 -11.06 50.64 -8.43
CA ASP D 203 -11.51 51.99 -8.77
C ASP D 203 -12.02 52.07 -10.21
N ASP D 204 -11.30 51.46 -11.16
CA ASP D 204 -11.78 51.47 -12.54
C ASP D 204 -13.11 50.75 -12.67
N ALA D 205 -13.31 49.69 -11.88
CA ALA D 205 -14.57 48.97 -11.94
C ALA D 205 -15.71 49.82 -11.40
N ILE D 206 -15.52 50.44 -10.23
CA ILE D 206 -16.58 51.22 -9.62
C ILE D 206 -16.93 52.45 -10.46
N ALA D 207 -15.92 53.06 -11.10
CA ALA D 207 -16.16 54.26 -11.91
C ALA D 207 -17.03 53.94 -13.12
N GLU D 208 -16.86 52.75 -13.70
CA GLU D 208 -17.58 52.32 -14.89
C GLU D 208 -18.63 51.26 -14.58
N LEU D 209 -19.24 51.32 -13.39
CA LEU D 209 -20.23 50.32 -13.00
C LEU D 209 -21.35 50.19 -14.03
N ASP D 210 -21.52 51.21 -14.87
CA ASP D 210 -22.49 51.17 -15.96
C ASP D 210 -22.14 50.10 -16.98
N THR D 211 -20.87 49.72 -17.09
CA THR D 211 -20.48 48.75 -18.10
C THR D 211 -20.53 47.32 -17.59
N LEU D 212 -21.26 47.06 -16.52
CA LEU D 212 -21.41 45.69 -16.04
C LEU D 212 -22.71 45.15 -16.60
N SER D 213 -22.65 43.92 -17.10
CA SER D 213 -23.81 43.21 -17.62
C SER D 213 -24.54 42.51 -16.49
N GLU D 214 -25.84 42.33 -16.66
CA GLU D 214 -26.60 41.56 -15.68
C GLU D 214 -26.08 40.12 -15.59
N GLU D 215 -25.55 39.58 -16.69
CA GLU D 215 -25.10 38.19 -16.67
C GLU D 215 -23.81 38.05 -15.87
N SER D 216 -22.86 38.97 -16.09
CA SER D 216 -21.61 39.05 -15.34
C SER D 216 -21.75 39.77 -13.99
N TYR D 217 -22.90 40.37 -13.70
CA TYR D 217 -23.01 41.22 -12.51
C TYR D 217 -22.61 40.47 -11.24
N LYS D 218 -23.17 39.28 -11.03
CA LYS D 218 -22.79 38.50 -9.85
C LYS D 218 -21.28 38.27 -9.84
N ASP D 219 -20.73 37.75 -10.93
CA ASP D 219 -19.31 37.42 -10.95
C ASP D 219 -18.45 38.65 -10.70
N SER D 220 -18.74 39.76 -11.39
CA SER D 220 -17.87 40.93 -11.24
C SER D 220 -17.92 41.49 -9.83
N THR D 221 -19.11 41.60 -9.24
CA THR D 221 -19.20 42.19 -7.91
C THR D 221 -18.50 41.34 -6.87
N LEU D 222 -18.62 40.01 -6.98
CA LEU D 222 -17.94 39.14 -6.02
C LEU D 222 -16.43 39.29 -6.11
N ILE D 223 -15.91 39.48 -7.32
CA ILE D 223 -14.47 39.65 -7.47
C ILE D 223 -14.02 40.98 -6.89
N MET D 224 -14.84 42.04 -7.06
CA MET D 224 -14.48 43.32 -6.47
C MET D 224 -14.46 43.26 -4.95
N GLN D 225 -15.33 42.45 -4.36
CA GLN D 225 -15.31 42.30 -2.91
C GLN D 225 -14.08 41.50 -2.46
N LEU D 226 -13.61 40.56 -3.30
CA LEU D 226 -12.35 39.88 -3.01
C LEU D 226 -11.18 40.86 -3.05
N LEU D 227 -11.17 41.74 -4.04
CA LEU D 227 -10.13 42.78 -4.07
C LEU D 227 -10.19 43.64 -2.82
N ARG D 228 -11.39 44.07 -2.42
CA ARG D 228 -11.51 44.90 -1.22
C ARG D 228 -11.06 44.13 0.01
N ASP D 229 -11.44 42.86 0.13
CA ASP D 229 -11.00 42.09 1.28
C ASP D 229 -9.48 42.02 1.35
N ASN D 230 -8.85 41.60 0.25
CA ASN D 230 -7.39 41.55 0.25
C ASN D 230 -6.80 42.90 0.64
N LEU D 231 -7.34 43.98 0.08
CA LEU D 231 -6.84 45.30 0.43
C LEU D 231 -6.99 45.57 1.92
N THR D 232 -8.20 45.34 2.47
CA THR D 232 -8.41 45.55 3.89
C THR D 232 -7.43 44.73 4.73
N LEU D 233 -7.25 43.45 4.38
CA LEU D 233 -6.34 42.61 5.12
C LEU D 233 -4.90 43.13 4.99
N TRP D 234 -4.49 43.45 3.76
CA TRP D 234 -3.12 43.86 3.53
C TRP D 234 -2.76 45.14 4.28
N THR D 235 -3.70 46.09 4.31
CA THR D 235 -3.46 47.32 5.06
C THR D 235 -3.44 47.09 6.56
N SER D 236 -4.20 46.10 7.05
CA SER D 236 -4.21 45.79 8.48
C SER D 236 -2.81 45.61 9.07
N ASP D 237 -1.80 45.32 8.24
CA ASP D 237 -0.44 45.23 8.74
C ASP D 237 0.52 46.04 7.88
N ARG E 13 10.94 3.81 -6.43
CA ARG E 13 11.55 2.95 -7.46
C ARG E 13 10.58 2.51 -8.54
N THR E 14 11.12 2.25 -9.73
CA THR E 14 10.32 1.71 -10.82
C THR E 14 9.78 0.33 -10.45
N GLN E 15 8.58 0.01 -10.92
CA GLN E 15 8.02 -1.32 -10.68
C GLN E 15 7.44 -1.97 -11.94
N SEP E 16 7.76 -3.24 -12.14
CA SEP E 16 7.24 -4.03 -13.25
CB SEP E 16 8.32 -4.99 -13.76
OG SEP E 16 8.79 -5.72 -12.65
C SEP E 16 6.02 -4.83 -12.81
O SEP E 16 5.59 -4.71 -11.66
P SEP E 16 9.86 -6.87 -12.93
O1P SEP E 16 9.29 -7.78 -14.13
O2P SEP E 16 11.28 -6.21 -13.31
O3P SEP E 16 10.04 -7.72 -11.58
N LEU E 17 5.47 -5.65 -13.72
CA LEU E 17 4.29 -6.46 -13.42
C LEU E 17 4.54 -7.40 -12.24
N PRO E 18 3.64 -7.36 -11.26
CA PRO E 18 3.77 -8.19 -10.06
C PRO E 18 3.42 -9.64 -10.35
N THR E 19 3.60 -10.49 -9.34
CA THR E 19 3.32 -11.92 -9.44
C THR E 19 2.26 -12.34 -8.43
N THR F 12 -6.69 -16.07 16.77
CA THR F 12 -5.23 -15.93 16.81
C THR F 12 -4.57 -17.27 17.12
N ARG F 13 -3.24 -17.31 17.11
CA ARG F 13 -2.48 -18.52 17.37
C ARG F 13 -1.36 -18.23 18.37
N THR F 14 -0.95 -19.27 19.10
CA THR F 14 0.13 -19.17 20.08
C THR F 14 1.40 -18.60 19.46
N GLN F 15 2.32 -18.15 20.29
CA GLN F 15 3.52 -17.50 19.77
C GLN F 15 4.76 -17.95 20.52
N SEP F 16 5.81 -18.27 19.78
CA SEP F 16 7.08 -18.55 20.41
CB SEP F 16 7.71 -19.84 19.89
OG SEP F 16 7.76 -19.83 18.49
C SEP F 16 7.97 -17.34 20.19
O SEP F 16 7.56 -16.34 19.60
P SEP F 16 8.43 -21.13 17.83
O1P SEP F 16 7.37 -22.34 17.84
O2P SEP F 16 9.77 -21.55 18.61
O3P SEP F 16 8.78 -20.71 16.32
N LEU F 17 9.18 -17.39 20.74
CA LEU F 17 10.11 -16.30 20.56
C LEU F 17 10.27 -16.10 19.08
N PRO F 18 10.14 -14.86 18.63
CA PRO F 18 10.39 -14.54 17.22
C PRO F 18 11.87 -14.42 16.94
N THR F 19 12.22 -14.58 15.67
CA THR F 19 13.58 -14.39 15.21
C THR F 19 13.66 -13.19 14.28
N ARG F 20 14.87 -12.66 14.11
CA ARG F 20 15.08 -11.55 13.16
C ARG F 20 14.51 -11.88 11.79
N THR G 12 -32.48 18.67 6.66
CA THR G 12 -31.66 17.71 7.41
C THR G 12 -31.68 16.33 6.74
N ARG G 13 -30.69 15.50 7.09
CA ARG G 13 -30.47 14.21 6.45
C ARG G 13 -29.96 13.23 7.50
N THR G 14 -30.21 11.94 7.26
CA THR G 14 -29.72 10.91 8.17
C THR G 14 -28.19 10.96 8.28
N GLN G 15 -27.68 10.66 9.47
CA GLN G 15 -26.24 10.75 9.72
C GLN G 15 -25.62 9.49 10.30
N SEP G 16 -24.54 9.02 9.67
CA SEP G 16 -23.79 7.90 10.25
CB SEP G 16 -23.33 6.93 9.17
OG SEP G 16 -22.61 7.60 8.16
C SEP G 16 -22.61 8.45 11.03
O SEP G 16 -22.49 9.66 11.23
P SEP G 16 -22.07 6.54 7.09
O1P SEP G 16 -23.35 5.95 6.29
O2P SEP G 16 -21.27 5.40 7.92
O3P SEP G 16 -21.05 7.22 6.08
N LEU G 17 -21.73 7.57 11.48
CA LEU G 17 -20.57 8.01 12.23
C LEU G 17 -19.57 8.76 11.34
N PRO G 18 -19.14 9.94 11.78
CA PRO G 18 -18.17 10.73 11.01
C PRO G 18 -16.76 10.16 11.23
N THR G 19 -15.78 10.81 10.62
CA THR G 19 -14.40 10.37 10.76
C THR G 19 -13.52 11.46 11.37
N THR H 12 -8.53 36.65 7.26
CA THR H 12 -7.40 36.05 7.96
C THR H 12 -6.32 35.56 7.00
N ARG H 13 -6.70 35.23 5.76
CA ARG H 13 -5.72 34.80 4.76
C ARG H 13 -5.98 35.51 3.43
N THR H 14 -4.89 35.70 2.69
CA THR H 14 -5.01 36.27 1.34
C THR H 14 -5.78 35.32 0.44
N GLN H 15 -6.55 35.90 -0.48
CA GLN H 15 -7.36 35.07 -1.38
C GLN H 15 -7.18 35.42 -2.84
N SEP H 16 -7.21 34.39 -3.68
CA SEP H 16 -7.15 34.53 -5.12
CB SEP H 16 -6.03 33.65 -5.69
OG SEP H 16 -6.18 32.34 -5.19
C SEP H 16 -8.48 34.17 -5.76
O SEP H 16 -9.43 33.80 -5.06
P SEP H 16 -5.09 31.33 -5.77
O1P SEP H 16 -5.11 31.35 -7.37
O2P SEP H 16 -3.67 31.72 -5.11
O3P SEP H 16 -5.54 29.86 -5.30
N LEU H 17 -8.55 34.26 -7.08
CA LEU H 17 -9.78 33.97 -7.78
C LEU H 17 -10.25 32.55 -7.45
N PRO H 18 -11.50 32.42 -7.00
CA PRO H 18 -12.05 31.10 -6.67
C PRO H 18 -12.50 30.33 -7.92
N THR H 19 -12.94 29.10 -7.71
CA THR H 19 -13.42 28.27 -8.81
C THR H 19 -14.87 27.82 -8.58
C1 EDO I . 21.00 -4.83 30.80
O1 EDO I . 21.25 -6.22 31.03
C2 EDO I . 22.33 -4.11 30.62
O2 EDO I . 23.11 -4.81 29.64
H11 EDO I . 20.46 -4.40 31.64
H12 EDO I . 20.38 -4.70 29.91
HO1 EDO I . 20.41 -6.69 31.10
H21 EDO I . 22.86 -4.07 31.57
H22 EDO I . 22.16 -3.08 30.29
HO2 EDO I . 23.90 -4.29 29.44
C1 EDO J . -6.26 -28.13 37.79
O1 EDO J . -6.25 -26.93 37.00
C2 EDO J . -6.27 -29.35 36.87
O2 EDO J . -6.67 -30.51 37.59
H11 EDO J . -7.16 -28.14 38.42
H12 EDO J . -5.39 -28.15 38.44
HO1 EDO J . -5.80 -26.23 37.48
H21 EDO J . -5.27 -29.49 36.46
H22 EDO J . -6.95 -29.18 36.03
HO2 EDO J . -7.00 -31.18 36.98
S SO4 K . 7.74 -45.95 16.72
O1 SO4 K . 7.45 -46.56 15.43
O2 SO4 K . 6.56 -46.08 17.58
O3 SO4 K . 8.09 -44.54 16.52
O4 SO4 K . 8.88 -46.66 17.32
S SO4 L . 2.83 -40.81 7.90
O1 SO4 L . 1.66 -40.56 7.05
O2 SO4 L . 3.09 -42.25 7.95
O3 SO4 L . 2.57 -40.31 9.25
O4 SO4 L . 4.01 -40.14 7.35
S SO4 M . 15.64 9.12 -24.91
O1 SO4 M . 14.94 8.43 -26.00
O2 SO4 M . 14.79 9.12 -23.72
O3 SO4 M . 15.91 10.51 -25.29
O4 SO4 M . 16.91 8.47 -24.62
#